data_7DKT
#
_entry.id   7DKT
#
_cell.length_a   177.049
_cell.length_b   54.689
_cell.length_c   83.240
_cell.angle_alpha   90.000
_cell.angle_beta   90.000
_cell.angle_gamma   90.000
#
_symmetry.space_group_name_H-M   'P 21 21 2'
#
loop_
_entity.id
_entity.type
_entity.pdbx_description
1 polymer beta-glucosidase
2 non-polymer 'alpha-D-glucopyranosyl fluoride'
3 non-polymer GLYCEROL
4 non-polymer 'CALCIUM ION'
5 water water
#
_entity_poly.entity_id   1
_entity_poly.type   'polypeptide(L)'
_entity_poly.pdbx_seq_one_letter_code
;AMALTGCSEKININEDKISHKIDIPDSAWTIGIGEKFKNAGHPNVKYPMIDDSYVQGAPLGGFGAGTIGRTYNGGFSRWH
LEIGKNKYTTVYANQFSVFQKVEGNKDGVAQVLYAGEPENGYLSSWKWDYPKESGMYYALYPNSWYTYTNKDLPVQLAVK
QFSPIIPYNYKETSYPVAVFKWTAYNPTNKNVDVSIMFTWQNMIGFFGKQVNVNSGNFNKIIKDKSKDSEIVAAVMGNIS
NDNEEWNGEYSIGVKKVPGVDISYKAKFVTTGDGSDLWHEFSKNGILDNKDDETPTKQDGIGSAIAVNFKLQPGQTIEVP
FALSWDLPIMKFGGGDKWYKMYTKYFGKNGKNSFAILKEALNNYQKWEKMIDDWQKPILSNKSKPDWYKTALFNELYYLA
DGGTAWENGKVGEKDKRTNNMFGLLACFDYNYYETLDVRFYGSFPLVMLWPDIEKQVMRQFADTINVQDSSEFKVGSNGA
MAVKKVQGMIPHDLGSSYALPWIKINAYDWQNPNIWKDLNSKYVLLVYRDYVLTGKTDKEFLKYTWKSVKTALDKLKEMD
KDNDGIPDNEGIPDQTYDTWSMKGTSAYCGSLWLAALKAAQEIGKVLKDNEAYIKYNEWYKIAQQNFEKELWNGEYYNFD
TESDHKDSIMADQLAGQWYADILRLGDILPKDHVQKALKKIYEFNVMKFENGKMGAVNGMRPDGIVDESDIQAQEVWTGV
TYALASFMKYRGMTEEAYNTAYGVYKMTYDKSGKGYWFRTPEAWTKDGNYRASMYMRPLSIWSMEVNYNEVLEHHHHHH
;
_entity_poly.pdbx_strand_id   A
#
# COMPACT_ATOMS: atom_id res chain seq x y z
N ASP A 16 16.26 -28.08 -4.34
CA ASP A 16 15.09 -27.36 -4.95
C ASP A 16 14.91 -27.75 -6.43
N LYS A 17 13.98 -28.67 -6.68
CA LYS A 17 13.56 -29.08 -8.02
C LYS A 17 12.22 -28.45 -8.45
N ILE A 18 11.53 -27.78 -7.52
CA ILE A 18 10.21 -27.20 -7.79
C ILE A 18 10.32 -25.86 -8.52
N SER A 19 11.34 -25.05 -8.19
CA SER A 19 11.53 -23.74 -8.84
C SER A 19 11.58 -23.78 -10.38
N HIS A 20 12.12 -24.85 -10.93
CA HIS A 20 12.14 -25.06 -12.38
C HIS A 20 10.74 -25.29 -12.99
N LYS A 21 9.79 -25.77 -12.19
CA LYS A 21 8.40 -26.00 -12.63
C LYS A 21 7.49 -24.77 -12.50
N ILE A 22 7.99 -23.66 -11.93
CA ILE A 22 7.20 -22.42 -11.79
C ILE A 22 7.97 -21.23 -12.38
N ASP A 23 7.38 -20.05 -12.40
CA ASP A 23 8.05 -18.90 -13.02
C ASP A 23 8.14 -17.71 -12.07
N ILE A 24 9.12 -17.79 -11.18
CA ILE A 24 9.38 -16.68 -10.26
C ILE A 24 10.39 -15.74 -10.92
N PRO A 25 10.10 -14.43 -10.99
CA PRO A 25 11.05 -13.50 -11.56
C PRO A 25 12.29 -13.32 -10.68
N ASP A 26 13.44 -13.10 -11.29
CA ASP A 26 14.67 -12.93 -10.51
C ASP A 26 14.61 -11.72 -9.60
N SER A 27 13.83 -10.70 -9.94
CA SER A 27 13.68 -9.52 -9.09
C SER A 27 12.72 -9.71 -7.90
N ALA A 28 12.09 -10.87 -7.75
CA ALA A 28 11.27 -11.09 -6.54
C ALA A 28 12.11 -10.91 -5.28
N TRP A 29 11.56 -10.24 -4.29
CA TRP A 29 12.14 -10.20 -2.96
C TRP A 29 12.06 -11.60 -2.39
N THR A 30 13.12 -12.05 -1.70
N THR A 30 13.10 -12.05 -1.68
CA THR A 30 13.17 -13.41 -1.15
CA THR A 30 13.06 -13.40 -1.12
C THR A 30 13.57 -13.46 0.31
C THR A 30 13.64 -13.53 0.28
N ILE A 31 13.08 -14.47 1.03
CA ILE A 31 13.48 -14.76 2.40
C ILE A 31 13.16 -16.22 2.68
N GLY A 32 13.95 -16.83 3.55
CA GLY A 32 13.66 -18.20 3.97
C GLY A 32 12.41 -18.28 4.85
N ILE A 33 11.60 -19.30 4.63
CA ILE A 33 10.44 -19.56 5.48
C ILE A 33 11.01 -19.89 6.86
N GLY A 34 10.53 -19.19 7.88
CA GLY A 34 11.02 -19.35 9.24
C GLY A 34 12.31 -18.61 9.56
N GLU A 35 12.79 -17.78 8.64
CA GLU A 35 14.04 -17.06 8.85
C GLU A 35 13.86 -16.05 9.98
N LYS A 36 14.86 -16.00 10.85
CA LYS A 36 14.94 -14.96 11.86
C LYS A 36 15.73 -13.84 11.22
N PHE A 37 15.33 -12.62 11.52
CA PHE A 37 16.04 -11.44 11.06
C PHE A 37 16.57 -10.76 12.30
N LYS A 38 17.85 -10.41 12.30
CA LYS A 38 18.54 -9.90 13.50
C LYS A 38 18.66 -8.38 13.57
N ASN A 39 18.61 -7.69 12.44
CA ASN A 39 18.95 -6.27 12.45
C ASN A 39 17.75 -5.32 12.64
N ALA A 40 16.58 -5.79 13.09
CA ALA A 40 15.33 -5.05 12.78
C ALA A 40 15.21 -3.72 13.50
N GLY A 41 14.75 -2.72 12.78
CA GLY A 41 14.51 -1.41 13.35
C GLY A 41 13.22 -1.32 14.15
N HIS A 42 13.14 -0.30 14.99
CA HIS A 42 11.98 -0.04 15.85
C HIS A 42 11.68 1.45 15.86
N PRO A 43 10.50 1.86 16.40
CA PRO A 43 10.16 3.28 16.36
C PRO A 43 11.13 4.11 17.19
N ASN A 44 11.43 5.31 16.73
CA ASN A 44 12.35 6.21 17.42
C ASN A 44 11.64 7.41 18.06
N VAL A 45 10.33 7.31 18.27
CA VAL A 45 9.53 8.43 18.83
C VAL A 45 9.19 8.15 20.30
N LYS A 46 8.67 9.18 20.97
CA LYS A 46 8.37 9.18 22.40
C LYS A 46 7.08 8.41 22.73
N TYR A 47 6.03 8.65 21.94
CA TYR A 47 4.74 8.04 22.19
C TYR A 47 4.64 6.69 21.50
N PRO A 48 3.65 5.87 21.90
CA PRO A 48 3.48 4.56 21.27
C PRO A 48 3.28 4.66 19.75
N MET A 49 3.93 3.76 19.03
CA MET A 49 3.90 3.75 17.58
C MET A 49 3.84 2.30 17.13
N ILE A 50 3.11 2.06 16.05
CA ILE A 50 2.95 0.72 15.53
C ILE A 50 4.31 0.08 15.17
N ASP A 51 4.52 -1.12 15.69
CA ASP A 51 5.65 -1.96 15.30
C ASP A 51 5.17 -3.40 15.28
N ASP A 52 4.78 -3.85 14.09
CA ASP A 52 4.27 -5.21 13.94
C ASP A 52 5.33 -6.27 13.68
N SER A 53 6.61 -5.89 13.79
CA SER A 53 7.73 -6.79 13.53
C SER A 53 7.98 -6.94 12.05
N TYR A 54 9.07 -7.65 11.75
CA TYR A 54 9.47 -7.92 10.37
C TYR A 54 8.76 -9.10 9.73
N VAL A 55 7.90 -9.81 10.47
CA VAL A 55 7.20 -10.97 9.91
C VAL A 55 5.99 -10.44 9.16
N GLN A 56 6.22 -10.15 7.88
CA GLN A 56 5.22 -9.57 6.98
C GLN A 56 5.26 -10.27 5.63
N GLY A 57 4.30 -9.91 4.79
CA GLY A 57 4.29 -10.37 3.43
C GLY A 57 3.51 -9.41 2.53
N ALA A 58 3.51 -9.71 1.24
CA ALA A 58 2.72 -8.97 0.27
C ALA A 58 1.23 -9.21 0.55
N PRO A 59 0.39 -8.15 0.52
CA PRO A 59 -1.02 -8.34 0.85
C PRO A 59 -1.83 -9.00 -0.24
N LEU A 60 -2.96 -9.54 0.17
CA LEU A 60 -3.97 -10.05 -0.73
C LEU A 60 -5.22 -9.20 -0.57
N GLY A 61 -5.94 -9.00 -1.66
CA GLY A 61 -7.18 -8.22 -1.63
C GLY A 61 -7.09 -6.99 -2.51
N GLY A 62 -8.22 -6.63 -3.09
CA GLY A 62 -8.32 -5.49 -3.96
C GLY A 62 -8.42 -4.13 -3.29
N PHE A 63 -8.41 -3.09 -4.13
CA PHE A 63 -8.53 -1.75 -3.65
C PHE A 63 -9.90 -1.52 -3.03
N GLY A 64 -9.93 -1.05 -1.80
CA GLY A 64 -11.18 -0.84 -1.08
C GLY A 64 -11.91 -2.09 -0.63
N ALA A 65 -11.28 -3.25 -0.80
CA ALA A 65 -11.87 -4.52 -0.43
C ALA A 65 -11.62 -4.89 1.00
N GLY A 66 -10.68 -4.20 1.65
CA GLY A 66 -10.03 -4.75 2.84
C GLY A 66 -8.97 -5.75 2.40
N THR A 67 -7.83 -5.72 3.07
CA THR A 67 -6.76 -6.63 2.69
C THR A 67 -6.32 -7.52 3.83
N ILE A 68 -5.67 -8.62 3.43
CA ILE A 68 -5.17 -9.63 4.37
C ILE A 68 -3.69 -9.84 4.06
N GLY A 69 -2.85 -9.59 5.06
CA GLY A 69 -1.41 -9.82 4.97
C GLY A 69 -1.02 -11.21 5.42
N ARG A 70 -0.66 -12.05 4.45
CA ARG A 70 -0.13 -13.37 4.75
C ARG A 70 1.38 -13.27 4.74
N THR A 71 2.01 -13.65 5.85
CA THR A 71 3.43 -13.35 6.01
C THR A 71 4.31 -14.41 5.37
N TYR A 72 5.61 -14.14 5.33
CA TYR A 72 6.55 -15.10 4.78
C TYR A 72 6.65 -16.40 5.59
N ASN A 73 6.18 -16.40 6.83
CA ASN A 73 6.09 -17.63 7.61
C ASN A 73 4.83 -18.44 7.33
N GLY A 74 3.90 -17.89 6.55
CA GLY A 74 2.70 -18.61 6.10
C GLY A 74 1.42 -18.20 6.81
N GLY A 75 1.52 -17.44 7.90
CA GLY A 75 0.36 -17.06 8.68
C GLY A 75 -0.41 -15.90 8.11
N PHE A 76 -1.74 -15.96 8.26
CA PHE A 76 -2.62 -14.84 7.90
C PHE A 76 -2.67 -13.94 9.13
N SER A 77 -1.88 -12.85 9.09
CA SER A 77 -1.51 -12.11 10.30
C SER A 77 -1.79 -10.61 10.31
N ARG A 78 -1.69 -9.93 9.18
CA ARG A 78 -1.90 -8.48 9.16
C ARG A 78 -3.27 -8.15 8.54
N TRP A 79 -4.24 -7.88 9.40
CA TRP A 79 -5.64 -7.80 9.01
C TRP A 79 -6.03 -6.35 8.80
N HIS A 80 -6.36 -6.01 7.57
CA HIS A 80 -6.86 -4.69 7.22
C HIS A 80 -8.30 -4.80 6.70
N LEU A 81 -9.07 -5.76 7.21
CA LEU A 81 -10.45 -5.96 6.77
C LEU A 81 -11.40 -4.90 7.30
N GLU A 82 -11.09 -4.35 8.47
CA GLU A 82 -11.78 -3.21 8.99
C GLU A 82 -11.08 -1.98 8.39
N ILE A 83 -11.76 -1.30 7.46
CA ILE A 83 -11.11 -0.31 6.61
C ILE A 83 -10.61 0.85 7.44
N GLY A 84 -9.32 1.11 7.33
CA GLY A 84 -8.68 2.19 8.08
C GLY A 84 -7.94 1.74 9.30
N LYS A 85 -8.04 0.44 9.64
CA LYS A 85 -7.43 -0.10 10.85
C LYS A 85 -6.40 -1.16 10.46
N ASN A 86 -5.39 -1.27 11.31
CA ASN A 86 -4.34 -2.27 11.17
C ASN A 86 -4.38 -3.16 12.42
N LYS A 87 -4.69 -4.44 12.24
CA LYS A 87 -4.76 -5.39 13.34
C LYS A 87 -3.82 -6.57 13.04
N TYR A 88 -2.75 -6.68 13.83
CA TYR A 88 -1.76 -7.73 13.61
C TYR A 88 -1.96 -8.82 14.63
N THR A 89 -2.47 -9.94 14.17
CA THR A 89 -2.68 -11.12 14.97
C THR A 89 -2.85 -12.32 14.03
N THR A 90 -2.17 -13.42 14.32
CA THR A 90 -2.24 -14.61 13.48
C THR A 90 -3.49 -15.39 13.86
N VAL A 91 -4.35 -15.64 12.88
CA VAL A 91 -5.52 -16.48 13.08
C VAL A 91 -5.05 -17.88 12.76
N TYR A 92 -4.75 -18.67 13.80
CA TYR A 92 -4.01 -19.90 13.59
C TYR A 92 -4.73 -20.97 12.78
N ALA A 93 -6.06 -20.97 12.79
CA ALA A 93 -6.81 -21.91 11.97
C ALA A 93 -6.67 -21.70 10.46
N ASN A 94 -6.21 -20.52 10.03
CA ASN A 94 -6.12 -20.17 8.60
C ASN A 94 -4.78 -20.65 8.06
N GLN A 95 -4.80 -21.74 7.32
CA GLN A 95 -3.55 -22.39 6.88
C GLN A 95 -3.72 -23.23 5.66
N PHE A 96 -2.60 -23.50 5.00
CA PHE A 96 -2.47 -24.66 4.14
C PHE A 96 -1.64 -25.71 4.87
N SER A 97 -2.06 -26.95 4.67
CA SER A 97 -1.39 -28.12 5.25
C SER A 97 -1.19 -29.16 4.17
N VAL A 98 -0.22 -30.05 4.42
CA VAL A 98 0.13 -31.08 3.45
C VAL A 98 0.22 -32.45 4.09
N PHE A 99 -0.21 -33.46 3.35
CA PHE A 99 -0.06 -34.86 3.70
C PHE A 99 0.68 -35.53 2.58
N GLN A 100 1.66 -36.38 2.92
CA GLN A 100 2.34 -37.18 1.91
C GLN A 100 2.58 -38.60 2.42
N LYS A 101 2.34 -39.58 1.56
CA LYS A 101 2.64 -40.97 1.88
C LYS A 101 3.31 -41.62 0.68
N VAL A 102 4.51 -42.16 0.90
CA VAL A 102 5.22 -42.89 -0.15
C VAL A 102 4.58 -44.28 -0.29
N GLU A 103 4.31 -44.73 -1.51
CA GLU A 103 3.83 -46.10 -1.70
C GLU A 103 4.84 -47.09 -1.12
N GLY A 104 4.35 -47.99 -0.26
CA GLY A 104 5.21 -48.98 0.40
C GLY A 104 5.39 -48.72 1.89
N ASN A 105 5.19 -47.49 2.32
CA ASN A 105 5.27 -47.16 3.74
C ASN A 105 3.95 -47.41 4.44
N LYS A 106 4.05 -47.66 5.75
CA LYS A 106 2.89 -47.91 6.59
C LYS A 106 2.11 -46.61 6.81
N ASP A 107 2.82 -45.54 7.19
CA ASP A 107 2.21 -44.25 7.52
C ASP A 107 2.71 -43.12 6.63
N GLY A 108 1.87 -42.09 6.49
CA GLY A 108 2.25 -40.85 5.80
C GLY A 108 2.58 -39.83 6.88
N VAL A 109 2.94 -38.62 6.47
CA VAL A 109 3.21 -37.52 7.40
C VAL A 109 2.35 -36.34 7.00
N ALA A 110 1.97 -35.55 8.00
CA ALA A 110 1.16 -34.36 7.79
C ALA A 110 1.83 -33.19 8.48
N GLN A 111 1.72 -32.00 7.88
CA GLN A 111 2.43 -30.85 8.35
C GLN A 111 1.65 -29.59 7.97
N VAL A 112 1.42 -28.72 8.94
CA VAL A 112 0.89 -27.39 8.65
C VAL A 112 2.04 -26.56 8.07
N LEU A 113 1.76 -25.85 6.98
CA LEU A 113 2.77 -25.00 6.33
C LEU A 113 2.84 -23.62 6.99
N TYR A 114 3.23 -23.61 8.25
CA TYR A 114 3.36 -22.41 9.05
C TYR A 114 4.59 -22.56 9.95
N ALA A 115 5.53 -21.63 9.84
CA ALA A 115 6.77 -21.67 10.66
C ALA A 115 6.49 -21.02 12.00
N GLY A 116 5.66 -21.68 12.79
CA GLY A 116 5.30 -21.23 14.12
C GLY A 116 4.31 -22.19 14.73
N GLU A 117 3.79 -21.80 15.89
CA GLU A 117 2.73 -22.56 16.55
C GLU A 117 1.84 -21.62 17.34
N PRO A 118 0.63 -22.09 17.73
CA PRO A 118 -0.23 -21.26 18.55
C PRO A 118 0.35 -20.97 19.94
N GLU A 119 -0.09 -19.90 20.57
CA GLU A 119 0.39 -19.56 21.92
C GLU A 119 -0.30 -20.43 22.99
N ASN A 120 -1.59 -20.68 22.81
CA ASN A 120 -2.40 -21.47 23.75
C ASN A 120 -2.61 -22.89 23.21
N GLY A 121 -3.55 -23.64 23.80
CA GLY A 121 -3.77 -25.04 23.45
C GLY A 121 -4.73 -25.30 22.31
N TYR A 122 -5.23 -24.23 21.66
CA TYR A 122 -6.15 -24.46 20.55
C TYR A 122 -5.35 -25.01 19.38
N LEU A 123 -5.93 -26.00 18.72
CA LEU A 123 -5.36 -26.67 17.58
C LEU A 123 -4.04 -27.38 17.93
N SER A 124 -3.91 -27.82 19.18
CA SER A 124 -2.70 -28.52 19.61
C SER A 124 -2.46 -29.84 18.88
N SER A 125 -3.51 -30.46 18.35
CA SER A 125 -3.34 -31.72 17.61
C SER A 125 -2.63 -31.56 16.28
N TRP A 126 -2.67 -30.36 15.69
CA TRP A 126 -2.09 -30.14 14.36
C TRP A 126 -0.56 -30.16 14.47
N LYS A 127 0.09 -30.47 13.36
CA LYS A 127 1.56 -30.54 13.31
C LYS A 127 2.11 -29.18 12.90
N TRP A 128 2.56 -28.43 13.90
CA TRP A 128 3.01 -27.06 13.74
C TRP A 128 4.51 -26.99 13.44
N ASP A 129 5.07 -25.78 13.52
CA ASP A 129 6.52 -25.55 13.45
C ASP A 129 7.15 -26.12 12.19
N TYR A 130 6.67 -25.65 11.05
CA TYR A 130 7.29 -25.98 9.77
C TYR A 130 8.79 -25.68 9.92
N PRO A 131 9.66 -26.64 9.56
CA PRO A 131 11.07 -26.45 9.91
C PRO A 131 11.81 -25.39 9.08
N LYS A 132 12.83 -24.77 9.69
CA LYS A 132 13.75 -23.87 8.99
C LYS A 132 14.50 -24.56 7.85
N GLU A 133 15.05 -23.73 6.96
N GLU A 133 15.07 -23.75 6.95
CA GLU A 133 15.86 -24.18 5.80
CA GLU A 133 15.90 -24.22 5.84
C GLU A 133 15.15 -25.20 4.94
C GLU A 133 15.16 -25.17 4.89
N SER A 134 13.83 -25.06 4.83
CA SER A 134 12.99 -26.03 4.11
C SER A 134 12.01 -25.37 3.16
N GLY A 135 12.35 -24.16 2.69
CA GLY A 135 11.42 -23.44 1.84
C GLY A 135 11.71 -21.98 1.80
N MET A 136 11.20 -21.31 0.78
CA MET A 136 11.45 -19.90 0.55
C MET A 136 10.16 -19.18 0.26
N TYR A 137 10.13 -17.90 0.59
CA TYR A 137 9.06 -17.00 0.19
C TYR A 137 9.62 -16.02 -0.81
N TYR A 138 8.81 -15.69 -1.80
CA TYR A 138 9.16 -14.74 -2.85
C TYR A 138 8.03 -13.75 -3.07
N ALA A 139 8.36 -12.48 -3.35
CA ALA A 139 7.31 -11.49 -3.62
C ALA A 139 7.67 -10.51 -4.71
N LEU A 140 6.78 -10.36 -5.68
CA LEU A 140 6.84 -9.26 -6.64
C LEU A 140 5.40 -8.81 -6.85
N TYR A 141 4.98 -7.90 -5.99
CA TYR A 141 3.57 -7.48 -5.88
C TYR A 141 2.95 -7.19 -7.28
N PRO A 142 1.77 -7.71 -7.62
CA PRO A 142 0.79 -8.34 -6.69
C PRO A 142 0.95 -9.85 -6.45
N ASN A 143 1.99 -10.46 -7.02
CA ASN A 143 2.26 -11.88 -6.84
C ASN A 143 3.15 -12.16 -5.66
N SER A 144 2.91 -13.28 -4.99
CA SER A 144 3.90 -13.85 -4.09
C SER A 144 3.86 -15.36 -4.21
N TRP A 145 4.92 -15.99 -3.71
CA TRP A 145 5.11 -17.43 -3.85
C TRP A 145 5.74 -18.00 -2.60
N TYR A 146 5.42 -19.27 -2.33
CA TYR A 146 6.15 -20.08 -1.34
C TYR A 146 6.58 -21.35 -2.04
N THR A 147 7.81 -21.79 -1.77
CA THR A 147 8.29 -23.12 -2.16
C THR A 147 8.58 -23.93 -0.91
N TYR A 148 8.32 -25.23 -1.00
CA TYR A 148 8.48 -26.16 0.12
C TYR A 148 9.37 -27.29 -0.36
N THR A 149 10.57 -27.31 0.21
CA THR A 149 11.65 -28.19 -0.20
C THR A 149 12.19 -28.77 1.10
N ASN A 150 11.57 -29.87 1.50
CA ASN A 150 11.69 -30.40 2.85
C ASN A 150 12.14 -31.84 2.69
N LYS A 151 13.16 -32.21 3.46
CA LYS A 151 13.72 -33.57 3.40
C LYS A 151 12.74 -34.67 3.83
N ASP A 152 11.70 -34.32 4.58
CA ASP A 152 10.63 -35.26 4.96
C ASP A 152 9.40 -35.21 4.05
N LEU A 153 9.43 -34.38 3.00
CA LEU A 153 8.35 -34.30 2.03
C LEU A 153 8.91 -34.63 0.65
N PRO A 154 8.83 -35.91 0.24
CA PRO A 154 9.43 -36.26 -1.07
C PRO A 154 8.88 -35.50 -2.26
N VAL A 155 7.59 -35.14 -2.22
CA VAL A 155 7.00 -34.33 -3.26
C VAL A 155 7.26 -32.86 -2.88
N GLN A 156 7.83 -32.11 -3.82
N GLN A 156 7.78 -32.12 -3.86
CA GLN A 156 8.07 -30.70 -3.59
CA GLN A 156 8.07 -30.71 -3.71
C GLN A 156 6.89 -29.91 -4.12
C GLN A 156 6.84 -29.93 -4.12
N LEU A 157 6.54 -28.86 -3.38
CA LEU A 157 5.36 -28.06 -3.63
C LEU A 157 5.73 -26.60 -3.72
N ALA A 158 4.93 -25.88 -4.49
CA ALA A 158 5.01 -24.43 -4.56
C ALA A 158 3.63 -23.87 -4.73
N VAL A 159 3.44 -22.64 -4.24
CA VAL A 159 2.19 -21.95 -4.46
C VAL A 159 2.49 -20.55 -4.98
N LYS A 160 1.68 -20.12 -5.93
CA LYS A 160 1.67 -18.73 -6.39
C LYS A 160 0.36 -18.14 -5.90
N GLN A 161 0.44 -17.05 -5.15
CA GLN A 161 -0.77 -16.39 -4.64
C GLN A 161 -0.82 -14.93 -5.08
N PHE A 162 -2.04 -14.46 -5.35
CA PHE A 162 -2.22 -13.13 -5.89
C PHE A 162 -3.68 -12.71 -5.87
N SER A 163 -3.87 -11.40 -6.00
CA SER A 163 -5.15 -10.79 -6.29
C SER A 163 -5.00 -10.05 -7.62
N PRO A 164 -6.11 -9.90 -8.37
CA PRO A 164 -6.04 -9.30 -9.71
C PRO A 164 -5.94 -7.76 -9.67
N ILE A 165 -4.77 -7.28 -9.24
CA ILE A 165 -4.45 -5.86 -9.20
C ILE A 165 -3.86 -5.50 -10.57
N ILE A 166 -4.63 -4.75 -11.38
CA ILE A 166 -4.35 -4.56 -12.79
C ILE A 166 -4.52 -3.09 -13.18
N PRO A 167 -3.44 -2.42 -13.63
CA PRO A 167 -3.56 -1.04 -14.11
C PRO A 167 -4.64 -0.86 -15.17
N TYR A 168 -5.28 0.31 -15.12
CA TYR A 168 -6.37 0.71 -16.05
C TYR A 168 -7.59 -0.21 -15.95
N ASN A 169 -7.69 -0.98 -14.86
CA ASN A 169 -8.78 -1.90 -14.60
C ASN A 169 -9.30 -1.48 -13.22
N TYR A 170 -10.58 -1.11 -13.18
CA TYR A 170 -11.20 -0.63 -11.95
C TYR A 170 -12.23 -1.62 -11.43
N LYS A 171 -12.26 -2.81 -12.03
CA LYS A 171 -13.25 -3.82 -11.70
C LYS A 171 -12.62 -4.94 -10.88
N GLU A 172 -11.91 -5.85 -11.54
CA GLU A 172 -11.23 -6.94 -10.87
C GLU A 172 -10.29 -6.40 -9.77
N THR A 173 -9.70 -5.23 -10.02
CA THR A 173 -8.80 -4.55 -9.05
C THR A 173 -9.46 -4.26 -7.69
N SER A 174 -10.80 -4.16 -7.68
CA SER A 174 -11.57 -3.94 -6.46
C SER A 174 -11.91 -5.22 -5.69
N TYR A 175 -11.69 -6.41 -6.27
CA TYR A 175 -12.26 -7.63 -5.73
C TYR A 175 -11.63 -8.09 -4.41
N PRO A 176 -12.47 -8.53 -3.47
CA PRO A 176 -12.02 -9.14 -2.22
C PRO A 176 -11.77 -10.63 -2.44
N VAL A 177 -10.69 -10.94 -3.14
CA VAL A 177 -10.42 -12.31 -3.53
C VAL A 177 -8.93 -12.54 -3.67
N ALA A 178 -8.52 -13.77 -3.43
CA ALA A 178 -7.14 -14.24 -3.61
C ALA A 178 -7.17 -15.62 -4.22
N VAL A 179 -6.21 -15.87 -5.12
CA VAL A 179 -6.04 -17.18 -5.75
C VAL A 179 -4.73 -17.78 -5.23
N PHE A 180 -4.75 -19.08 -4.97
CA PHE A 180 -3.60 -19.85 -4.55
C PHE A 180 -3.42 -20.99 -5.54
N LYS A 181 -2.52 -20.78 -6.49
CA LYS A 181 -2.24 -21.73 -7.56
C LYS A 181 -1.08 -22.63 -7.15
N TRP A 182 -1.41 -23.88 -6.83
CA TRP A 182 -0.45 -24.86 -6.35
C TRP A 182 0.18 -25.64 -7.49
N THR A 183 1.48 -25.92 -7.35
CA THR A 183 2.21 -26.81 -8.24
C THR A 183 2.87 -27.88 -7.39
N ALA A 184 2.70 -29.15 -7.76
CA ALA A 184 3.35 -30.26 -7.04
C ALA A 184 4.12 -31.13 -8.04
N TYR A 185 5.34 -31.51 -7.66
CA TYR A 185 6.23 -32.29 -8.52
C TYR A 185 6.90 -33.39 -7.71
N ASN A 186 6.93 -34.61 -8.28
CA ASN A 186 7.60 -35.76 -7.66
C ASN A 186 8.98 -36.01 -8.33
N PRO A 187 10.08 -35.57 -7.68
CA PRO A 187 11.41 -35.85 -8.24
C PRO A 187 11.94 -37.27 -7.92
N THR A 188 11.24 -38.05 -7.09
CA THR A 188 11.73 -39.32 -6.58
C THR A 188 11.32 -40.46 -7.52
N ASN A 189 11.80 -41.66 -7.20
CA ASN A 189 11.50 -42.86 -7.99
C ASN A 189 10.35 -43.71 -7.44
N LYS A 190 9.56 -43.17 -6.51
CA LYS A 190 8.40 -43.90 -5.97
C LYS A 190 7.13 -43.07 -6.13
N ASN A 191 6.00 -43.75 -6.22
CA ASN A 191 4.68 -43.11 -6.23
C ASN A 191 4.46 -42.46 -4.87
N VAL A 192 3.90 -41.25 -4.86
CA VAL A 192 3.59 -40.58 -3.60
C VAL A 192 2.15 -40.09 -3.61
N ASP A 193 1.42 -40.40 -2.54
CA ASP A 193 0.07 -39.87 -2.36
C ASP A 193 0.22 -38.52 -1.70
N VAL A 194 -0.45 -37.51 -2.23
CA VAL A 194 -0.31 -36.13 -1.74
C VAL A 194 -1.69 -35.51 -1.50
N SER A 195 -1.83 -34.80 -0.38
CA SER A 195 -3.02 -33.97 -0.17
C SER A 195 -2.60 -32.56 0.26
N ILE A 196 -3.36 -31.57 -0.22
CA ILE A 196 -3.20 -30.16 0.14
C ILE A 196 -4.55 -29.76 0.73
N MET A 197 -4.53 -29.20 1.95
CA MET A 197 -5.75 -28.78 2.64
C MET A 197 -5.68 -27.31 2.99
N PHE A 198 -6.75 -26.60 2.66
CA PHE A 198 -6.95 -25.20 3.05
C PHE A 198 -7.95 -25.19 4.21
N THR A 199 -7.55 -24.63 5.34
CA THR A 199 -8.45 -24.41 6.47
C THR A 199 -8.66 -22.92 6.66
N TRP A 200 -9.87 -22.55 7.09
CA TRP A 200 -10.22 -21.15 7.34
C TRP A 200 -11.24 -21.08 8.48
N GLN A 201 -11.00 -20.18 9.41
CA GLN A 201 -11.94 -19.87 10.48
C GLN A 201 -13.08 -19.03 9.94
N ASN A 202 -14.30 -19.33 10.38
CA ASN A 202 -15.42 -18.45 10.14
C ASN A 202 -15.17 -17.19 10.95
N MET A 203 -14.73 -16.13 10.28
CA MET A 203 -14.28 -14.93 10.96
C MET A 203 -15.35 -13.86 11.13
N ILE A 204 -16.61 -14.20 10.85
CA ILE A 204 -17.68 -13.24 11.10
C ILE A 204 -17.69 -12.96 12.59
N GLY A 205 -17.62 -11.69 12.95
CA GLY A 205 -17.46 -11.26 14.33
C GLY A 205 -16.04 -10.98 14.79
N PHE A 206 -15.05 -11.26 13.96
CA PHE A 206 -13.64 -10.92 14.26
C PHE A 206 -13.47 -9.43 14.56
N PHE A 207 -14.26 -8.61 13.88
CA PHE A 207 -14.37 -7.16 14.18
C PHE A 207 -15.81 -6.68 14.01
N GLY A 208 -16.10 -5.51 14.59
CA GLY A 208 -17.38 -4.83 14.38
C GLY A 208 -18.57 -5.37 15.15
N LYS A 209 -18.36 -6.39 16.00
CA LYS A 209 -19.41 -6.99 16.81
C LYS A 209 -19.04 -6.78 18.30
N GLN A 210 -19.87 -6.01 19.00
N GLN A 210 -19.83 -5.98 19.02
CA GLN A 210 -19.58 -5.58 20.37
CA GLN A 210 -19.50 -5.61 20.42
C GLN A 210 -19.77 -6.70 21.42
C GLN A 210 -19.70 -6.77 21.40
N VAL A 211 -20.65 -7.67 21.12
CA VAL A 211 -20.94 -8.82 22.01
C VAL A 211 -21.23 -10.12 21.21
N ASN A 212 -21.16 -11.27 21.87
CA ASN A 212 -21.52 -12.58 21.29
C ASN A 212 -20.84 -12.83 19.94
N VAL A 213 -19.50 -12.79 19.93
CA VAL A 213 -18.77 -12.63 18.67
C VAL A 213 -18.85 -13.78 17.66
N ASN A 214 -19.08 -15.01 18.12
CA ASN A 214 -19.32 -16.16 17.24
C ASN A 214 -20.79 -16.52 17.01
N SER A 215 -21.70 -15.89 17.75
CA SER A 215 -23.06 -16.38 17.82
C SER A 215 -23.77 -16.30 16.48
N GLY A 216 -24.32 -17.44 16.05
CA GLY A 216 -25.04 -17.53 14.79
C GLY A 216 -24.16 -17.86 13.60
N ASN A 217 -22.85 -17.94 13.80
CA ASN A 217 -21.97 -18.33 12.68
C ASN A 217 -22.28 -19.75 12.26
N PHE A 218 -22.28 -19.98 10.95
CA PHE A 218 -22.50 -21.32 10.41
C PHE A 218 -21.81 -21.46 9.07
N ASN A 219 -21.52 -22.71 8.72
CA ASN A 219 -20.78 -23.03 7.51
C ASN A 219 -21.61 -23.92 6.63
N LYS A 220 -21.55 -23.69 5.32
CA LYS A 220 -22.19 -24.57 4.34
C LYS A 220 -21.25 -24.90 3.21
N ILE A 221 -21.51 -26.01 2.54
CA ILE A 221 -20.68 -26.47 1.44
C ILE A 221 -21.48 -26.28 0.16
N ILE A 222 -20.82 -25.71 -0.85
CA ILE A 222 -21.39 -25.52 -2.19
C ILE A 222 -20.63 -26.43 -3.14
N LYS A 223 -21.38 -27.23 -3.90
CA LYS A 223 -20.80 -28.06 -4.95
C LYS A 223 -21.37 -27.58 -6.26
N ASP A 224 -20.55 -26.91 -7.07
CA ASP A 224 -20.98 -26.38 -8.34
C ASP A 224 -20.47 -27.32 -9.40
N LYS A 225 -21.38 -28.10 -9.99
CA LYS A 225 -21.06 -29.13 -10.96
C LYS A 225 -21.70 -28.75 -12.28
N SER A 226 -20.87 -28.27 -13.20
CA SER A 226 -21.26 -27.95 -14.57
C SER A 226 -20.27 -28.68 -15.47
N LYS A 227 -20.71 -29.18 -16.62
CA LYS A 227 -19.82 -29.88 -17.56
C LYS A 227 -18.39 -29.28 -17.56
N ASP A 228 -17.38 -30.11 -17.27
CA ASP A 228 -15.96 -29.70 -17.20
C ASP A 228 -15.65 -28.61 -16.18
N SER A 229 -16.49 -28.56 -15.16
CA SER A 229 -16.29 -27.70 -14.03
C SER A 229 -16.81 -28.45 -12.82
N GLU A 230 -15.97 -28.53 -11.82
CA GLU A 230 -16.48 -28.78 -10.50
C GLU A 230 -15.72 -27.84 -9.63
N ILE A 231 -16.46 -27.02 -8.89
CA ILE A 231 -15.91 -26.27 -7.78
C ILE A 231 -16.59 -26.78 -6.51
N VAL A 232 -15.79 -26.96 -5.47
CA VAL A 232 -16.30 -27.25 -4.12
C VAL A 232 -15.79 -26.14 -3.21
N ALA A 233 -16.70 -25.57 -2.45
CA ALA A 233 -16.39 -24.43 -1.61
C ALA A 233 -17.11 -24.48 -0.28
N ALA A 234 -16.51 -23.86 0.73
CA ALA A 234 -17.15 -23.64 2.00
C ALA A 234 -17.56 -22.17 2.05
N VAL A 235 -18.78 -21.90 2.48
CA VAL A 235 -19.24 -20.53 2.73
C VAL A 235 -19.51 -20.40 4.23
N MET A 236 -18.81 -19.46 4.84
CA MET A 236 -18.75 -19.26 6.28
C MET A 236 -19.42 -17.92 6.55
N GLY A 237 -20.61 -17.98 7.11
CA GLY A 237 -21.44 -16.80 7.28
C GLY A 237 -22.14 -16.80 8.62
N ASN A 238 -23.25 -16.08 8.68
CA ASN A 238 -24.04 -15.95 9.89
C ASN A 238 -25.53 -16.06 9.54
N ILE A 239 -26.31 -16.64 10.45
CA ILE A 239 -27.74 -16.79 10.20
C ILE A 239 -28.48 -15.46 10.08
N SER A 240 -27.92 -14.40 10.67
CA SER A 240 -28.50 -13.07 10.54
C SER A 240 -28.48 -12.56 9.08
N ASN A 241 -29.60 -12.01 8.63
CA ASN A 241 -29.66 -11.23 7.38
C ASN A 241 -29.51 -9.72 7.62
N ASP A 242 -29.07 -9.31 8.82
CA ASP A 242 -28.76 -7.90 9.12
C ASP A 242 -27.69 -7.31 8.20
N ASN A 243 -27.82 -6.01 7.92
CA ASN A 243 -26.89 -5.32 7.04
C ASN A 243 -26.04 -4.37 7.86
N GLU A 244 -24.91 -4.91 8.34
CA GLU A 244 -24.00 -4.22 9.26
C GLU A 244 -22.55 -4.47 8.85
N GLU A 245 -21.65 -3.65 9.40
CA GLU A 245 -20.21 -3.77 9.10
C GLU A 245 -19.69 -5.17 9.36
N TRP A 246 -20.18 -5.80 10.43
CA TRP A 246 -19.63 -7.10 10.85
C TRP A 246 -20.13 -8.27 10.04
N ASN A 247 -21.27 -8.13 9.36
CA ASN A 247 -21.92 -9.29 8.73
C ASN A 247 -21.48 -9.43 7.28
N GLY A 248 -21.47 -10.68 6.83
CA GLY A 248 -21.08 -11.01 5.49
C GLY A 248 -20.73 -12.49 5.43
N GLU A 249 -19.82 -12.83 4.53
CA GLU A 249 -19.39 -14.22 4.33
C GLU A 249 -17.94 -14.28 3.94
N TYR A 250 -17.28 -15.34 4.37
CA TYR A 250 -15.96 -15.76 3.84
C TYR A 250 -16.18 -17.06 3.06
N SER A 251 -15.42 -17.27 1.99
CA SER A 251 -15.44 -18.53 1.29
C SER A 251 -14.02 -19.01 0.94
N ILE A 252 -13.80 -20.30 1.11
CA ILE A 252 -12.62 -20.97 0.54
C ILE A 252 -13.07 -22.11 -0.38
N GLY A 253 -12.26 -22.45 -1.36
CA GLY A 253 -12.66 -23.51 -2.27
C GLY A 253 -11.58 -23.89 -3.23
N VAL A 254 -11.92 -24.85 -4.09
CA VAL A 254 -10.95 -25.44 -5.00
C VAL A 254 -11.69 -25.84 -6.29
N LYS A 255 -10.99 -25.79 -7.41
CA LYS A 255 -11.52 -26.24 -8.68
C LYS A 255 -10.94 -27.60 -8.99
N LYS A 256 -11.79 -28.54 -9.40
CA LYS A 256 -11.32 -29.87 -9.70
C LYS A 256 -10.49 -29.83 -10.96
N VAL A 257 -9.42 -30.62 -10.97
CA VAL A 257 -8.60 -30.82 -12.16
C VAL A 257 -8.43 -32.33 -12.36
N PRO A 258 -8.13 -32.75 -13.59
CA PRO A 258 -7.89 -34.17 -13.81
C PRO A 258 -6.81 -34.75 -12.89
N GLY A 259 -7.11 -35.90 -12.30
CA GLY A 259 -6.17 -36.59 -11.42
C GLY A 259 -6.25 -36.23 -9.95
N VAL A 260 -7.14 -35.32 -9.57
CA VAL A 260 -7.28 -34.97 -8.15
C VAL A 260 -8.72 -35.22 -7.73
N ASP A 261 -8.87 -35.68 -6.49
CA ASP A 261 -10.17 -35.83 -5.85
C ASP A 261 -10.29 -34.75 -4.78
N ILE A 262 -11.51 -34.30 -4.53
CA ILE A 262 -11.78 -33.25 -3.55
C ILE A 262 -12.47 -33.84 -2.33
N SER A 263 -12.02 -33.47 -1.14
CA SER A 263 -12.77 -33.77 0.07
C SER A 263 -12.95 -32.50 0.90
N TYR A 264 -13.84 -32.55 1.88
CA TYR A 264 -14.12 -31.36 2.68
C TYR A 264 -14.58 -31.71 4.09
N LYS A 265 -14.50 -30.74 4.98
CA LYS A 265 -15.19 -30.84 6.28
C LYS A 265 -15.83 -29.48 6.54
N ALA A 266 -17.15 -29.47 6.66
CA ALA A 266 -17.86 -28.20 6.78
C ALA A 266 -17.62 -27.47 8.09
N LYS A 267 -17.46 -28.21 9.18
CA LYS A 267 -17.42 -27.60 10.50
C LYS A 267 -16.43 -28.31 11.41
N PHE A 268 -15.36 -27.61 11.78
CA PHE A 268 -14.49 -28.04 12.86
C PHE A 268 -14.40 -26.90 13.87
N VAL A 269 -14.07 -27.24 15.12
CA VAL A 269 -14.10 -26.26 16.18
C VAL A 269 -12.70 -25.67 16.28
N THR A 270 -12.60 -24.36 16.11
CA THR A 270 -11.32 -23.66 16.15
C THR A 270 -10.87 -23.35 17.58
N THR A 271 -11.84 -23.28 18.50
CA THR A 271 -11.57 -23.10 19.92
C THR A 271 -11.61 -24.47 20.61
N GLY A 272 -10.86 -25.41 20.05
CA GLY A 272 -10.70 -26.76 20.61
C GLY A 272 -9.34 -27.26 20.14
N ASP A 273 -9.07 -28.55 20.32
CA ASP A 273 -7.73 -29.07 19.98
C ASP A 273 -7.51 -29.36 18.49
N GLY A 274 -8.57 -29.23 17.69
CA GLY A 274 -8.48 -29.42 16.26
C GLY A 274 -8.43 -30.84 15.78
N SER A 275 -8.57 -31.80 16.69
CA SER A 275 -8.40 -33.20 16.32
C SER A 275 -9.60 -33.74 15.56
N ASP A 276 -10.77 -33.09 15.72
CA ASP A 276 -11.94 -33.38 14.87
C ASP A 276 -11.62 -33.35 13.37
N LEU A 277 -10.76 -32.41 12.97
CA LEU A 277 -10.26 -32.37 11.61
C LEU A 277 -8.97 -33.17 11.42
N TRP A 278 -8.00 -32.95 12.29
CA TRP A 278 -6.65 -33.44 12.05
C TRP A 278 -6.55 -34.96 12.04
N HIS A 279 -7.36 -35.66 12.85
CA HIS A 279 -7.33 -37.13 12.85
C HIS A 279 -7.68 -37.71 11.47
N GLU A 280 -8.50 -36.98 10.70
CA GLU A 280 -8.89 -37.39 9.36
C GLU A 280 -7.77 -37.10 8.38
N PHE A 281 -7.28 -35.86 8.41
CA PHE A 281 -6.27 -35.43 7.46
C PHE A 281 -4.95 -36.18 7.63
N SER A 282 -4.55 -36.38 8.87
CA SER A 282 -3.25 -37.02 9.16
C SER A 282 -3.21 -38.51 8.84
N LYS A 283 -4.37 -39.15 8.76
CA LYS A 283 -4.42 -40.59 8.47
C LYS A 283 -4.10 -40.87 7.00
N ASN A 284 -4.84 -40.25 6.09
CA ASN A 284 -4.70 -40.50 4.67
C ASN A 284 -4.90 -39.27 3.78
N GLY A 285 -4.88 -38.08 4.37
CA GLY A 285 -5.11 -36.86 3.59
C GLY A 285 -6.51 -36.68 3.02
N ILE A 286 -7.50 -37.39 3.57
CA ILE A 286 -8.87 -37.35 3.01
C ILE A 286 -9.82 -37.02 4.16
N LEU A 287 -10.67 -36.02 3.94
CA LEU A 287 -11.61 -35.57 4.95
C LEU A 287 -12.94 -36.31 4.86
N ASP A 288 -13.76 -36.11 5.89
CA ASP A 288 -15.01 -36.88 6.06
C ASP A 288 -16.18 -36.52 5.12
N ASN A 289 -16.09 -35.39 4.41
CA ASN A 289 -17.19 -34.88 3.58
C ASN A 289 -18.46 -34.67 4.38
N LYS A 290 -18.30 -34.27 5.64
CA LYS A 290 -19.43 -34.12 6.54
C LYS A 290 -19.96 -32.69 6.43
N ASP A 291 -21.17 -32.57 5.92
CA ASP A 291 -21.91 -31.31 5.96
C ASP A 291 -22.59 -31.17 7.32
N ASP A 292 -22.69 -29.93 7.77
CA ASP A 292 -23.32 -29.61 9.05
C ASP A 292 -23.51 -28.11 9.15
N GLU A 293 -24.75 -27.65 8.97
CA GLU A 293 -25.07 -26.22 8.99
C GLU A 293 -25.48 -25.70 10.38
N THR A 294 -25.24 -26.50 11.43
CA THR A 294 -25.65 -26.09 12.75
C THR A 294 -24.89 -24.81 13.16
N PRO A 295 -25.63 -23.74 13.53
CA PRO A 295 -24.94 -22.54 13.93
C PRO A 295 -24.24 -22.73 15.28
N THR A 296 -23.18 -21.98 15.50
CA THR A 296 -22.46 -22.02 16.75
C THR A 296 -22.99 -20.96 17.72
N LYS A 297 -22.67 -21.13 19.00
CA LYS A 297 -23.03 -20.20 20.04
C LYS A 297 -21.76 -19.49 20.53
N GLN A 298 -20.96 -20.14 21.37
CA GLN A 298 -19.70 -19.55 21.88
C GLN A 298 -18.47 -20.00 21.11
N ASP A 299 -18.44 -21.26 20.69
CA ASP A 299 -17.27 -21.83 20.01
C ASP A 299 -16.99 -21.17 18.68
N GLY A 300 -15.72 -21.00 18.39
CA GLY A 300 -15.29 -20.60 17.05
C GLY A 300 -15.33 -21.84 16.16
N ILE A 301 -15.71 -21.63 14.89
CA ILE A 301 -15.79 -22.71 13.92
C ILE A 301 -15.06 -22.34 12.64
N GLY A 302 -14.75 -23.36 11.86
CA GLY A 302 -14.01 -23.21 10.60
C GLY A 302 -14.38 -24.31 9.63
N SER A 303 -13.88 -24.20 8.40
CA SER A 303 -14.12 -25.17 7.35
C SER A 303 -12.80 -25.58 6.74
N ALA A 304 -12.80 -26.73 6.08
CA ALA A 304 -11.62 -27.29 5.46
C ALA A 304 -11.97 -27.81 4.08
N ILE A 305 -11.12 -27.46 3.10
CA ILE A 305 -11.24 -27.97 1.72
C ILE A 305 -9.90 -28.60 1.37
N ALA A 306 -9.93 -29.85 0.90
CA ALA A 306 -8.71 -30.59 0.58
C ALA A 306 -8.76 -31.22 -0.79
N VAL A 307 -7.58 -31.40 -1.39
CA VAL A 307 -7.44 -32.25 -2.58
C VAL A 307 -6.49 -33.38 -2.27
N ASN A 308 -6.75 -34.54 -2.87
CA ASN A 308 -5.84 -35.67 -2.77
C ASN A 308 -5.55 -36.21 -4.16
N PHE A 309 -4.30 -36.59 -4.39
CA PHE A 309 -3.86 -37.11 -5.68
C PHE A 309 -2.62 -37.97 -5.51
N LYS A 310 -2.36 -38.79 -6.51
CA LYS A 310 -1.18 -39.63 -6.57
C LYS A 310 -0.25 -39.07 -7.64
N LEU A 311 1.02 -38.83 -7.29
CA LEU A 311 2.00 -38.37 -8.26
C LEU A 311 2.99 -39.49 -8.52
N GLN A 312 3.09 -39.87 -9.79
CA GLN A 312 4.09 -40.83 -10.21
C GLN A 312 5.45 -40.13 -10.34
N PRO A 313 6.55 -40.92 -10.33
CA PRO A 313 7.88 -40.35 -10.55
C PRO A 313 7.91 -39.41 -11.74
N GLY A 314 8.44 -38.20 -11.54
CA GLY A 314 8.52 -37.20 -12.60
C GLY A 314 7.26 -36.45 -12.99
N GLN A 315 6.15 -36.67 -12.27
CA GLN A 315 4.86 -36.09 -12.65
C GLN A 315 4.66 -34.76 -11.90
N THR A 316 4.06 -33.80 -12.60
CA THR A 316 3.70 -32.49 -12.06
C THR A 316 2.20 -32.31 -12.18
N ILE A 317 1.60 -31.64 -11.21
CA ILE A 317 0.19 -31.32 -11.27
C ILE A 317 -0.03 -29.92 -10.70
N GLU A 318 -1.01 -29.22 -11.26
CA GLU A 318 -1.37 -27.86 -10.83
C GLU A 318 -2.81 -27.88 -10.34
N VAL A 319 -3.06 -27.24 -9.19
CA VAL A 319 -4.42 -27.16 -8.65
C VAL A 319 -4.67 -25.78 -8.04
N PRO A 320 -5.78 -25.11 -8.43
CA PRO A 320 -6.08 -23.79 -7.88
C PRO A 320 -7.09 -23.81 -6.73
N PHE A 321 -6.73 -23.16 -5.62
CA PHE A 321 -7.64 -22.82 -4.55
C PHE A 321 -7.91 -21.31 -4.58
N ALA A 322 -8.94 -20.88 -3.86
CA ALA A 322 -9.23 -19.46 -3.74
C ALA A 322 -9.87 -19.16 -2.39
N LEU A 323 -9.78 -17.87 -2.05
CA LEU A 323 -10.38 -17.28 -0.85
C LEU A 323 -11.10 -16.00 -1.25
N SER A 324 -12.33 -15.82 -0.75
CA SER A 324 -13.05 -14.57 -0.96
C SER A 324 -13.67 -14.12 0.35
N TRP A 325 -13.93 -12.83 0.44
CA TRP A 325 -14.63 -12.28 1.59
C TRP A 325 -15.63 -11.23 1.15
N ASP A 326 -16.90 -11.46 1.47
CA ASP A 326 -17.96 -10.51 1.13
C ASP A 326 -18.42 -9.84 2.41
N LEU A 327 -17.78 -8.72 2.69
CA LEU A 327 -18.10 -7.88 3.84
C LEU A 327 -18.46 -6.53 3.22
N PRO A 328 -19.71 -6.38 2.80
CA PRO A 328 -20.04 -5.24 1.89
C PRO A 328 -19.97 -3.84 2.49
N ILE A 329 -20.04 -3.71 3.83
CA ILE A 329 -20.21 -2.41 4.46
C ILE A 329 -18.98 -2.04 5.27
N MET A 330 -18.47 -0.85 5.05
CA MET A 330 -17.43 -0.28 5.89
C MET A 330 -18.07 0.79 6.79
N LYS A 331 -17.70 0.78 8.06
CA LYS A 331 -18.17 1.78 9.00
C LYS A 331 -16.97 2.53 9.53
N PHE A 332 -17.09 3.85 9.58
CA PHE A 332 -16.06 4.71 10.16
C PHE A 332 -16.48 5.19 11.52
N GLY A 333 -15.52 5.63 12.31
CA GLY A 333 -15.77 5.91 13.74
C GLY A 333 -16.77 7.02 14.01
N GLY A 334 -16.93 7.95 13.07
CA GLY A 334 -17.94 8.98 13.19
C GLY A 334 -19.36 8.53 12.91
N GLY A 335 -19.52 7.29 12.44
CA GLY A 335 -20.82 6.63 12.30
C GLY A 335 -21.29 6.32 10.90
N ASP A 336 -20.65 6.93 9.89
CA ASP A 336 -21.03 6.68 8.50
C ASP A 336 -20.74 5.24 8.06
N LYS A 337 -21.70 4.67 7.35
CA LYS A 337 -21.58 3.35 6.74
C LYS A 337 -21.66 3.52 5.24
N TRP A 338 -20.71 2.90 4.53
CA TRP A 338 -20.62 2.95 3.08
C TRP A 338 -20.48 1.56 2.52
N TYR A 339 -21.00 1.35 1.31
CA TYR A 339 -20.72 0.13 0.58
C TYR A 339 -19.35 0.18 -0.06
N LYS A 340 -18.67 -0.96 -0.09
CA LYS A 340 -17.35 -1.06 -0.72
C LYS A 340 -17.49 -1.19 -2.23
N MET A 341 -16.45 -0.77 -2.96
CA MET A 341 -16.51 -0.69 -4.44
C MET A 341 -16.96 -1.99 -5.11
N TYR A 342 -16.43 -3.14 -4.68
CA TYR A 342 -16.71 -4.40 -5.37
C TYR A 342 -18.20 -4.75 -5.38
N THR A 343 -18.97 -4.19 -4.46
CA THR A 343 -20.42 -4.44 -4.42
C THR A 343 -21.13 -4.02 -5.73
N LYS A 344 -20.53 -3.11 -6.49
CA LYS A 344 -21.04 -2.79 -7.83
C LYS A 344 -21.16 -4.01 -8.73
N TYR A 345 -20.23 -4.95 -8.57
CA TYR A 345 -20.07 -6.08 -9.44
C TYR A 345 -20.72 -7.35 -8.90
N PHE A 346 -20.87 -7.48 -7.58
CA PHE A 346 -21.40 -8.71 -6.96
C PHE A 346 -22.67 -8.56 -6.11
N GLY A 347 -23.06 -7.33 -5.84
CA GLY A 347 -24.19 -7.02 -4.99
C GLY A 347 -23.80 -6.54 -3.60
N LYS A 348 -24.79 -6.12 -2.84
CA LYS A 348 -24.60 -5.42 -1.55
C LYS A 348 -25.11 -6.20 -0.34
N ASN A 349 -25.79 -7.33 -0.56
CA ASN A 349 -26.47 -8.04 0.55
C ASN A 349 -25.56 -8.90 1.43
N GLY A 350 -24.28 -9.00 1.08
CA GLY A 350 -23.36 -9.76 1.91
C GLY A 350 -23.49 -11.26 1.86
N LYS A 351 -24.15 -11.79 0.81
CA LYS A 351 -24.34 -13.23 0.68
C LYS A 351 -23.78 -13.72 -0.66
N ASN A 352 -22.66 -13.14 -1.07
CA ASN A 352 -22.13 -13.32 -2.42
C ASN A 352 -20.70 -13.86 -2.47
N SER A 353 -20.22 -14.42 -1.36
CA SER A 353 -18.82 -14.86 -1.34
C SER A 353 -18.55 -15.98 -2.35
N PHE A 354 -19.53 -16.88 -2.56
CA PHE A 354 -19.32 -17.94 -3.52
C PHE A 354 -19.15 -17.41 -4.95
N ALA A 355 -20.01 -16.46 -5.32
CA ALA A 355 -19.94 -15.86 -6.66
C ALA A 355 -18.56 -15.26 -6.93
N ILE A 356 -18.00 -14.60 -5.92
CA ILE A 356 -16.68 -13.98 -6.04
C ILE A 356 -15.61 -15.07 -6.22
N LEU A 357 -15.70 -16.10 -5.39
CA LEU A 357 -14.79 -17.22 -5.44
C LEU A 357 -14.82 -17.92 -6.79
N LYS A 358 -16.03 -18.15 -7.28
CA LYS A 358 -16.23 -18.84 -8.54
C LYS A 358 -15.63 -18.06 -9.72
N GLU A 359 -15.86 -16.76 -9.74
CA GLU A 359 -15.27 -15.89 -10.76
C GLU A 359 -13.74 -16.05 -10.75
N ALA A 360 -13.13 -16.06 -9.57
CA ALA A 360 -11.68 -16.21 -9.48
C ALA A 360 -11.21 -17.58 -9.94
N LEU A 361 -11.90 -18.64 -9.50
CA LEU A 361 -11.45 -19.97 -9.86
C LEU A 361 -11.56 -20.25 -11.36
N ASN A 362 -12.53 -19.61 -12.01
CA ASN A 362 -12.75 -19.80 -13.44
C ASN A 362 -11.98 -18.85 -14.35
N ASN A 363 -11.34 -17.82 -13.77
CA ASN A 363 -10.67 -16.81 -14.57
C ASN A 363 -9.23 -16.48 -14.15
N TYR A 364 -8.68 -17.25 -13.21
CA TYR A 364 -7.36 -16.88 -12.63
C TYR A 364 -6.24 -16.89 -13.66
N GLN A 365 -6.32 -17.77 -14.67
CA GLN A 365 -5.27 -17.87 -15.70
C GLN A 365 -5.24 -16.61 -16.55
N LYS A 366 -6.41 -16.10 -16.89
CA LYS A 366 -6.53 -14.80 -17.56
C LYS A 366 -5.93 -13.67 -16.71
N TRP A 367 -6.23 -13.68 -15.42
CA TRP A 367 -5.71 -12.64 -14.52
C TRP A 367 -4.19 -12.68 -14.44
N GLU A 368 -3.62 -13.88 -14.36
CA GLU A 368 -2.16 -14.04 -14.31
C GLU A 368 -1.52 -13.40 -15.54
N LYS A 369 -2.13 -13.63 -16.70
CA LYS A 369 -1.62 -13.09 -17.97
C LYS A 369 -1.74 -11.57 -17.98
N MET A 370 -2.84 -11.03 -17.44
CA MET A 370 -3.02 -9.58 -17.38
C MET A 370 -1.96 -8.92 -16.49
N ILE A 371 -1.63 -9.58 -15.38
CA ILE A 371 -0.56 -9.09 -14.50
C ILE A 371 0.80 -9.17 -15.20
N ASP A 372 1.09 -10.30 -15.84
CA ASP A 372 2.34 -10.45 -16.59
C ASP A 372 2.45 -9.39 -17.68
N ASP A 373 1.35 -9.12 -18.39
CA ASP A 373 1.34 -8.11 -19.44
C ASP A 373 1.74 -6.72 -18.93
N TRP A 374 1.29 -6.34 -17.72
CA TRP A 374 1.67 -5.02 -17.19
CA TRP A 374 1.63 -5.03 -17.15
C TRP A 374 3.05 -4.99 -16.57
N GLN A 375 3.51 -6.10 -16.00
CA GLN A 375 4.84 -6.12 -15.40
C GLN A 375 5.94 -6.24 -16.46
N LYS A 376 5.59 -6.78 -17.63
CA LYS A 376 6.60 -7.18 -18.62
C LYS A 376 7.47 -6.03 -19.15
N PRO A 377 6.86 -4.86 -19.44
CA PRO A 377 7.69 -3.77 -19.96
C PRO A 377 8.87 -3.42 -19.08
N ILE A 378 8.65 -3.40 -17.75
CA ILE A 378 9.71 -3.11 -16.80
C ILE A 378 10.63 -4.31 -16.61
N LEU A 379 10.06 -5.49 -16.40
CA LEU A 379 10.88 -6.66 -16.14
C LEU A 379 11.78 -7.02 -17.31
N SER A 380 11.32 -6.79 -18.53
CA SER A 380 12.10 -7.09 -19.74
C SER A 380 13.18 -6.06 -20.09
N ASN A 381 13.18 -4.91 -19.41
CA ASN A 381 14.17 -3.88 -19.65
C ASN A 381 15.46 -4.24 -18.91
N LYS A 382 16.41 -4.80 -19.64
CA LYS A 382 17.66 -5.28 -19.05
C LYS A 382 18.65 -4.15 -18.72
N SER A 383 18.32 -2.90 -19.02
CA SER A 383 19.14 -1.78 -18.54
C SER A 383 18.89 -1.45 -17.07
N LYS A 384 17.78 -1.92 -16.52
CA LYS A 384 17.45 -1.59 -15.14
C LYS A 384 17.88 -2.71 -14.21
N PRO A 385 18.54 -2.37 -13.11
CA PRO A 385 18.95 -3.43 -12.19
C PRO A 385 17.78 -4.09 -11.51
N ASP A 386 17.93 -5.36 -11.16
CA ASP A 386 16.84 -6.07 -10.51
C ASP A 386 16.41 -5.46 -9.18
N TRP A 387 17.33 -4.92 -8.37
CA TRP A 387 16.93 -4.33 -7.09
C TRP A 387 15.90 -3.21 -7.28
N TYR A 388 16.05 -2.45 -8.35
CA TYR A 388 15.13 -1.35 -8.65
C TYR A 388 13.74 -1.88 -8.98
N LYS A 389 13.69 -2.98 -9.71
CA LYS A 389 12.43 -3.65 -10.03
C LYS A 389 11.76 -4.21 -8.77
N THR A 390 12.56 -4.78 -7.88
CA THR A 390 12.05 -5.27 -6.61
C THR A 390 11.30 -4.18 -5.85
N ALA A 391 11.94 -3.01 -5.74
CA ALA A 391 11.36 -1.87 -5.05
C ALA A 391 10.17 -1.31 -5.81
N LEU A 392 10.31 -1.12 -7.10
CA LEU A 392 9.24 -0.51 -7.88
C LEU A 392 7.90 -1.28 -7.73
N PHE A 393 7.95 -2.60 -7.86
CA PHE A 393 6.71 -3.36 -7.76
C PHE A 393 6.27 -3.54 -6.32
N ASN A 394 7.19 -3.86 -5.42
CA ASN A 394 6.77 -4.15 -4.04
C ASN A 394 6.33 -2.93 -3.26
N GLU A 395 6.81 -1.72 -3.60
CA GLU A 395 6.24 -0.51 -2.97
C GLU A 395 4.73 -0.35 -3.22
N LEU A 396 4.23 -0.90 -4.33
CA LEU A 396 2.82 -0.79 -4.67
C LEU A 396 1.91 -1.53 -3.71
N TYR A 397 2.47 -2.38 -2.84
CA TYR A 397 1.70 -3.03 -1.79
C TYR A 397 0.80 -2.01 -1.07
N TYR A 398 1.31 -0.78 -0.89
CA TYR A 398 0.61 0.23 -0.09
C TYR A 398 -0.72 0.71 -0.73
N LEU A 399 -0.84 0.63 -2.05
CA LEU A 399 -2.10 1.01 -2.69
C LEU A 399 -3.26 0.17 -2.17
N ALA A 400 -2.99 -1.11 -1.90
CA ALA A 400 -3.99 -2.01 -1.28
C ALA A 400 -3.97 -1.96 0.25
N ASP A 401 -2.79 -1.88 0.84
CA ASP A 401 -2.61 -1.99 2.29
C ASP A 401 -2.74 -0.70 3.05
N GLY A 402 -2.99 0.43 2.39
CA GLY A 402 -3.05 1.72 3.07
C GLY A 402 -4.43 2.15 3.52
N GLY A 403 -5.21 1.22 4.08
CA GLY A 403 -6.53 1.54 4.60
C GLY A 403 -7.47 2.03 3.53
N THR A 404 -7.28 1.51 2.31
CA THR A 404 -7.88 2.09 1.13
C THR A 404 -9.39 1.99 1.18
N ALA A 405 -10.05 3.13 0.97
CA ALA A 405 -11.49 3.23 1.01
C ALA A 405 -12.01 3.65 -0.35
N TRP A 406 -13.01 2.94 -0.86
CA TRP A 406 -13.51 3.19 -2.20
C TRP A 406 -14.98 2.86 -2.16
N GLU A 407 -15.82 3.89 -2.12
CA GLU A 407 -17.23 3.71 -1.83
C GLU A 407 -18.15 3.55 -3.04
N ASN A 408 -19.19 2.73 -2.86
CA ASN A 408 -20.24 2.53 -3.85
C ASN A 408 -21.60 2.85 -3.21
N GLY A 409 -21.68 4.01 -2.57
CA GLY A 409 -22.93 4.50 -1.97
C GLY A 409 -22.89 4.50 -0.46
N LYS A 410 -23.54 5.48 0.15
CA LYS A 410 -23.76 5.51 1.58
C LYS A 410 -24.90 4.54 1.89
N VAL A 411 -24.81 3.83 2.99
CA VAL A 411 -25.87 2.91 3.40
C VAL A 411 -27.11 3.79 3.70
N GLY A 412 -28.26 3.43 3.13
CA GLY A 412 -29.50 4.25 3.22
C GLY A 412 -29.75 5.25 2.08
N GLU A 413 -28.71 5.61 1.32
CA GLU A 413 -28.74 6.65 0.26
C GLU A 413 -29.81 6.38 -0.80
N LYS A 416 -28.10 7.72 -5.69
CA LYS A 416 -27.08 7.00 -6.46
C LYS A 416 -26.27 7.97 -7.32
N ARG A 417 -25.01 8.19 -6.96
CA ARG A 417 -24.14 9.15 -7.65
C ARG A 417 -23.36 8.52 -8.80
N THR A 418 -22.77 9.37 -9.63
CA THR A 418 -21.99 8.95 -10.80
C THR A 418 -20.61 8.40 -10.43
N ASN A 419 -19.97 9.01 -9.44
CA ASN A 419 -18.60 8.70 -9.08
C ASN A 419 -18.53 7.92 -7.79
N ASN A 420 -17.36 7.31 -7.60
CA ASN A 420 -17.08 6.49 -6.41
C ASN A 420 -15.92 7.15 -5.69
N MET A 421 -16.16 7.72 -4.52
CA MET A 421 -15.11 8.44 -3.80
C MET A 421 -14.04 7.47 -3.33
N PHE A 422 -12.81 7.96 -3.21
CA PHE A 422 -11.64 7.12 -2.94
C PHE A 422 -10.76 7.81 -1.92
N GLY A 423 -10.09 7.02 -1.11
CA GLY A 423 -9.07 7.56 -0.20
C GLY A 423 -8.04 6.53 0.22
N LEU A 424 -6.78 6.97 0.21
CA LEU A 424 -5.63 6.23 0.72
C LEU A 424 -5.12 6.94 1.96
N LEU A 425 -4.88 6.21 3.05
CA LEU A 425 -4.29 6.82 4.24
C LEU A 425 -2.86 7.27 4.05
N ALA A 426 -2.47 8.30 4.78
CA ALA A 426 -1.06 8.63 4.87
C ALA A 426 -0.30 7.50 5.53
N CYS A 427 -0.84 6.99 6.63
CA CYS A 427 -0.40 5.79 7.33
C CYS A 427 -1.41 5.49 8.42
N PHE A 428 -1.12 4.51 9.28
CA PHE A 428 -2.04 4.14 10.36
C PHE A 428 -1.77 4.90 11.64
N ASP A 429 -0.53 5.29 11.88
CA ASP A 429 -0.21 6.12 13.06
C ASP A 429 -0.79 7.53 12.96
N TYR A 430 -0.81 8.07 11.73
CA TYR A 430 -1.41 9.35 11.42
C TYR A 430 -2.54 9.06 10.44
N ASN A 431 -3.68 8.73 11.02
CA ASN A 431 -4.78 8.12 10.30
C ASN A 431 -5.61 9.18 9.57
N TYR A 432 -5.05 9.69 8.48
CA TYR A 432 -5.65 10.77 7.67
C TYR A 432 -5.71 10.38 6.22
N TYR A 433 -6.89 10.50 5.59
CA TYR A 433 -7.09 10.14 4.18
C TYR A 433 -6.59 11.21 3.25
N GLU A 434 -5.81 10.78 2.26
CA GLU A 434 -5.38 11.60 1.13
C GLU A 434 -4.52 12.82 1.44
N THR A 435 -3.84 12.79 2.58
CA THR A 435 -3.02 13.90 3.01
C THR A 435 -2.29 14.51 1.80
N LEU A 436 -2.72 15.72 1.41
CA LEU A 436 -2.31 16.25 0.12
C LEU A 436 -0.82 16.60 0.03
N ASP A 437 -0.26 17.09 1.12
CA ASP A 437 1.18 17.38 1.16
C ASP A 437 2.04 16.14 0.97
N VAL A 438 1.49 14.99 1.34
CA VAL A 438 2.14 13.68 1.16
C VAL A 438 1.83 13.08 -0.23
N ARG A 439 0.57 13.22 -0.67
CA ARG A 439 0.15 12.62 -1.96
C ARG A 439 0.85 13.30 -3.15
N PHE A 440 1.32 14.53 -2.95
CA PHE A 440 2.20 15.20 -3.92
C PHE A 440 3.35 14.27 -4.34
N TYR A 441 3.83 13.48 -3.39
CA TYR A 441 4.85 12.46 -3.62
C TYR A 441 4.23 11.08 -3.92
N GLY A 442 3.26 10.69 -3.08
CA GLY A 442 2.80 9.31 -3.03
C GLY A 442 1.76 8.90 -4.08
N SER A 443 1.24 9.84 -4.86
CA SER A 443 0.15 9.52 -5.81
C SER A 443 0.62 9.17 -7.23
N PHE A 444 1.92 9.09 -7.45
CA PHE A 444 2.44 8.72 -8.78
C PHE A 444 1.88 7.42 -9.35
N PRO A 445 1.82 6.35 -8.56
CA PRO A 445 1.23 5.14 -9.13
C PRO A 445 -0.23 5.32 -9.54
N LEU A 446 -1.00 6.16 -8.84
CA LEU A 446 -2.39 6.35 -9.26
C LEU A 446 -2.51 7.10 -10.57
N VAL A 447 -1.77 8.20 -10.73
CA VAL A 447 -1.84 8.93 -11.99
C VAL A 447 -1.32 8.07 -13.14
N MET A 448 -0.31 7.26 -12.89
CA MET A 448 0.36 6.51 -13.96
C MET A 448 -0.39 5.25 -14.34
N LEU A 449 -1.05 4.62 -13.36
CA LEU A 449 -1.64 3.29 -13.52
C LEU A 449 -3.14 3.18 -13.29
N TRP A 450 -3.72 4.09 -12.50
CA TRP A 450 -5.18 4.13 -12.26
C TRP A 450 -5.68 5.57 -12.34
N PRO A 451 -5.48 6.19 -13.51
CA PRO A 451 -5.71 7.62 -13.58
C PRO A 451 -7.16 8.08 -13.31
N ASP A 452 -8.17 7.23 -13.56
CA ASP A 452 -9.55 7.61 -13.21
C ASP A 452 -9.73 7.78 -11.69
N ILE A 453 -9.02 6.99 -10.88
CA ILE A 453 -9.03 7.17 -9.42
C ILE A 453 -8.35 8.48 -9.05
N GLU A 454 -7.17 8.71 -9.63
CA GLU A 454 -6.42 9.93 -9.37
C GLU A 454 -7.24 11.20 -9.62
N LYS A 455 -7.89 11.26 -10.78
CA LYS A 455 -8.67 12.46 -11.14
C LYS A 455 -9.87 12.63 -10.22
N GLN A 456 -10.51 11.53 -9.84
CA GLN A 456 -11.59 11.57 -8.84
C GLN A 456 -11.11 12.17 -7.52
N VAL A 457 -9.96 11.72 -7.03
CA VAL A 457 -9.39 12.28 -5.79
C VAL A 457 -9.14 13.78 -5.94
N MET A 458 -8.60 14.20 -7.07
CA MET A 458 -8.35 15.62 -7.27
C MET A 458 -9.63 16.44 -7.36
N ARG A 459 -10.68 15.88 -7.99
CA ARG A 459 -11.98 16.56 -7.99
C ARG A 459 -12.56 16.67 -6.57
N GLN A 460 -12.33 15.65 -5.73
CA GLN A 460 -12.69 15.72 -4.31
C GLN A 460 -12.06 16.94 -3.63
N PHE A 461 -10.77 17.14 -3.87
CA PHE A 461 -10.08 18.33 -3.34
C PHE A 461 -10.64 19.63 -3.93
N ALA A 462 -10.84 19.67 -5.25
CA ALA A 462 -11.43 20.87 -5.89
C ALA A 462 -12.72 21.28 -5.20
N ASP A 463 -13.57 20.30 -4.92
CA ASP A 463 -14.86 20.55 -4.24
C ASP A 463 -14.72 21.14 -2.83
N THR A 464 -13.61 20.95 -2.16
CA THR A 464 -13.40 21.49 -0.80
C THR A 464 -12.89 22.90 -0.75
N ILE A 465 -12.44 23.46 -1.89
CA ILE A 465 -11.68 24.72 -1.87
C ILE A 465 -12.41 25.82 -1.10
N ASN A 466 -13.69 26.01 -1.41
CA ASN A 466 -14.44 27.12 -0.82
C ASN A 466 -15.29 26.73 0.38
N VAL A 467 -15.08 25.51 0.90
CA VAL A 467 -15.73 25.11 2.16
C VAL A 467 -15.16 25.95 3.28
N GLN A 468 -16.05 26.40 4.17
CA GLN A 468 -15.67 27.15 5.36
C GLN A 468 -16.32 26.43 6.54
N ASP A 469 -15.51 26.18 7.57
CA ASP A 469 -16.00 25.67 8.83
C ASP A 469 -15.38 26.55 9.90
N SER A 470 -16.20 27.45 10.45
CA SER A 470 -15.73 28.45 11.42
C SER A 470 -15.57 27.93 12.83
N SER A 471 -16.06 26.71 13.11
CA SER A 471 -15.80 26.08 14.40
C SER A 471 -14.31 25.93 14.60
N GLU A 472 -13.87 25.99 15.85
CA GLU A 472 -12.46 26.03 16.19
C GLU A 472 -11.97 24.71 16.79
N PHE A 473 -10.66 24.48 16.65
CA PHE A 473 -9.98 23.30 17.20
C PHE A 473 -8.69 23.74 17.86
N LYS A 474 -8.22 22.92 18.80
CA LYS A 474 -6.97 23.20 19.51
C LYS A 474 -5.81 22.66 18.69
N VAL A 475 -4.88 23.54 18.33
CA VAL A 475 -3.68 23.18 17.58
C VAL A 475 -2.72 22.46 18.52
N GLY A 476 -2.34 21.24 18.15
CA GLY A 476 -1.51 20.39 19.00
C GLY A 476 -0.14 20.93 19.36
N SER A 477 0.52 21.57 18.39
CA SER A 477 1.91 22.03 18.57
C SER A 477 2.06 23.18 19.55
N ASN A 478 1.05 24.03 19.66
CA ASN A 478 1.14 25.23 20.52
C ASN A 478 -0.05 25.49 21.46
N GLY A 479 -1.07 24.63 21.43
CA GLY A 479 -2.25 24.79 22.28
C GLY A 479 -3.19 25.93 21.94
N ALA A 480 -2.96 26.62 20.83
CA ALA A 480 -3.78 27.75 20.42
C ALA A 480 -5.02 27.25 19.68
N MET A 481 -6.06 28.07 19.64
CA MET A 481 -7.29 27.74 18.91
C MET A 481 -7.22 28.27 17.48
N ALA A 482 -7.82 27.53 16.54
CA ALA A 482 -7.84 27.94 15.14
C ALA A 482 -9.09 27.44 14.42
N VAL A 483 -9.46 28.16 13.36
CA VAL A 483 -10.61 27.83 12.53
C VAL A 483 -10.31 26.51 11.79
N LYS A 484 -11.30 25.61 11.74
CA LYS A 484 -11.15 24.28 11.14
C LYS A 484 -10.82 24.35 9.64
N LYS A 485 -11.56 25.16 8.89
CA LYS A 485 -11.41 25.21 7.44
C LYS A 485 -11.71 26.60 6.93
N VAL A 486 -10.71 27.20 6.29
CA VAL A 486 -10.79 28.56 5.77
C VAL A 486 -11.12 28.52 4.28
N GLN A 487 -12.05 29.37 3.84
CA GLN A 487 -12.41 29.45 2.42
C GLN A 487 -11.18 29.77 1.55
N GLY A 488 -11.02 29.01 0.48
CA GLY A 488 -9.92 29.20 -0.46
C GLY A 488 -8.61 28.51 -0.11
N MET A 489 -8.56 27.86 1.05
CA MET A 489 -7.38 27.11 1.46
C MET A 489 -7.67 25.62 1.26
N ILE A 490 -6.74 24.94 0.62
CA ILE A 490 -6.86 23.50 0.37
C ILE A 490 -6.70 22.78 1.72
N PRO A 491 -7.49 21.72 1.95
CA PRO A 491 -7.35 21.00 3.20
C PRO A 491 -6.11 20.11 3.23
N HIS A 492 -5.60 19.88 4.44
CA HIS A 492 -4.53 18.90 4.67
C HIS A 492 -4.96 17.49 4.29
N ASP A 493 -6.20 17.14 4.59
CA ASP A 493 -6.70 15.78 4.42
C ASP A 493 -8.19 15.76 4.26
N LEU A 494 -8.71 14.60 3.87
CA LEU A 494 -10.14 14.39 3.66
C LEU A 494 -10.76 13.56 4.79
N GLY A 495 -10.20 13.69 5.97
CA GLY A 495 -10.76 13.09 7.19
C GLY A 495 -9.98 11.88 7.68
N SER A 496 -10.55 11.23 8.68
CA SER A 496 -9.91 10.10 9.36
C SER A 496 -10.87 8.95 9.44
N SER A 497 -10.35 7.72 9.38
CA SER A 497 -11.20 6.53 9.55
C SER A 497 -11.87 6.47 10.93
N TYR A 498 -11.28 7.15 11.90
CA TYR A 498 -11.87 7.28 13.24
C TYR A 498 -13.04 8.25 13.29
N ALA A 499 -13.26 9.01 12.22
CA ALA A 499 -14.29 10.05 12.16
C ALA A 499 -15.08 9.90 10.85
N LEU A 500 -15.05 10.87 9.94
CA LEU A 500 -15.93 10.84 8.79
C LEU A 500 -15.20 11.16 7.47
N PRO A 501 -14.57 10.13 6.89
CA PRO A 501 -13.90 10.31 5.62
C PRO A 501 -14.80 10.95 4.56
N TRP A 502 -14.23 11.90 3.81
CA TRP A 502 -14.89 12.64 2.72
C TRP A 502 -15.89 13.69 3.19
N ILE A 503 -16.36 13.60 4.42
CA ILE A 503 -17.42 14.45 4.94
C ILE A 503 -16.85 15.53 5.86
N LYS A 504 -16.05 15.12 6.83
CA LYS A 504 -15.36 16.02 7.75
C LYS A 504 -13.88 16.03 7.41
N ILE A 505 -13.48 17.08 6.71
CA ILE A 505 -12.10 17.23 6.24
C ILE A 505 -11.22 17.87 7.33
N ASN A 506 -9.91 17.91 7.10
CA ASN A 506 -8.95 18.46 8.06
C ASN A 506 -9.04 17.82 9.45
N ALA A 507 -9.03 16.49 9.48
CA ALA A 507 -8.95 15.79 10.78
C ALA A 507 -7.65 16.08 11.50
N TYR A 508 -6.57 16.28 10.75
CA TYR A 508 -5.27 16.64 11.30
C TYR A 508 -5.33 17.92 12.12
N ASP A 509 -4.67 17.88 13.28
CA ASP A 509 -4.65 19.04 14.18
C ASP A 509 -3.30 19.37 14.82
N TRP A 510 -2.21 18.70 14.43
CA TRP A 510 -0.89 19.01 15.00
C TRP A 510 -0.46 20.45 14.68
N GLN A 511 -0.74 20.88 13.46
CA GLN A 511 -0.58 22.27 13.03
C GLN A 511 -1.88 22.73 12.38
N ASN A 512 -1.99 24.03 12.11
CA ASN A 512 -3.14 24.57 11.40
C ASN A 512 -2.88 24.56 9.89
N PRO A 513 -3.49 23.62 9.14
CA PRO A 513 -3.17 23.56 7.71
C PRO A 513 -3.71 24.74 6.89
N ASN A 514 -4.62 25.53 7.44
CA ASN A 514 -5.15 26.71 6.74
C ASN A 514 -4.11 27.83 6.57
N ILE A 515 -2.99 27.77 7.29
CA ILE A 515 -1.87 28.67 7.04
C ILE A 515 -0.66 27.98 6.39
N TRP A 516 -0.81 26.75 5.92
CA TRP A 516 0.33 26.11 5.24
C TRP A 516 0.65 26.80 3.91
N LYS A 517 1.93 26.81 3.56
CA LYS A 517 2.41 27.50 2.37
C LYS A 517 2.68 26.56 1.20
N ASP A 518 2.55 25.23 1.42
CA ASP A 518 2.75 24.23 0.34
C ASP A 518 1.46 23.64 -0.20
N LEU A 519 0.39 23.55 0.60
CA LEU A 519 -0.79 22.83 0.15
C LEU A 519 -1.43 23.43 -1.10
N ASN A 520 -1.61 24.74 -1.12
CA ASN A 520 -2.28 25.35 -2.28
C ASN A 520 -1.46 25.22 -3.57
N SER A 521 -0.15 25.35 -3.49
CA SER A 521 0.77 25.17 -4.64
CA SER A 521 0.74 25.19 -4.65
C SER A 521 0.82 23.72 -5.10
N LYS A 522 0.93 22.81 -4.13
CA LYS A 522 0.97 21.37 -4.45
C LYS A 522 -0.32 20.94 -5.14
N TYR A 523 -1.44 21.48 -4.67
CA TYR A 523 -2.73 21.19 -5.31
C TYR A 523 -2.71 21.54 -6.80
N VAL A 524 -2.30 22.76 -7.10
CA VAL A 524 -2.23 23.21 -8.48
C VAL A 524 -1.28 22.33 -9.31
N LEU A 525 -0.12 22.03 -8.75
CA LEU A 525 0.87 21.16 -9.39
C LEU A 525 0.34 19.75 -9.65
N LEU A 526 -0.38 19.19 -8.68
CA LEU A 526 -1.08 17.91 -8.90
C LEU A 526 -2.12 17.97 -10.02
N VAL A 527 -2.90 19.04 -10.07
CA VAL A 527 -3.90 19.18 -11.14
C VAL A 527 -3.19 19.15 -12.49
N TYR A 528 -2.16 19.97 -12.65
CA TYR A 528 -1.49 20.07 -13.96
C TYR A 528 -0.76 18.76 -14.29
N ARG A 529 -0.12 18.15 -13.29
CA ARG A 529 0.47 16.82 -13.45
C ARG A 529 -0.51 15.81 -14.04
N ASP A 530 -1.72 15.78 -13.47
CA ASP A 530 -2.72 14.80 -13.86
C ASP A 530 -3.21 15.01 -15.28
N TYR A 531 -3.24 16.26 -15.71
CA TYR A 531 -3.48 16.58 -17.13
C TYR A 531 -2.31 16.14 -18.03
N VAL A 532 -1.08 16.46 -17.66
CA VAL A 532 0.10 16.15 -18.48
C VAL A 532 0.37 14.65 -18.60
N LEU A 533 0.32 13.94 -17.48
CA LEU A 533 0.66 12.52 -17.49
C LEU A 533 -0.45 11.60 -17.98
N THR A 534 -1.62 12.15 -18.30
CA THR A 534 -2.67 11.41 -18.99
C THR A 534 -2.87 11.87 -20.44
N GLY A 535 -1.86 12.57 -20.99
CA GLY A 535 -1.78 12.84 -22.42
C GLY A 535 -2.11 14.24 -22.87
N LYS A 536 -2.27 15.18 -21.95
CA LYS A 536 -2.71 16.56 -22.26
C LYS A 536 -3.98 16.61 -23.13
N THR A 537 -4.93 15.71 -22.87
CA THR A 537 -6.20 15.69 -23.60
C THR A 537 -7.41 16.06 -22.76
N ASP A 538 -7.29 16.00 -21.43
CA ASP A 538 -8.45 16.10 -20.56
C ASP A 538 -8.70 17.55 -20.16
N LYS A 539 -9.18 18.32 -21.13
CA LYS A 539 -9.61 19.68 -20.90
C LYS A 539 -10.76 19.78 -19.90
N GLU A 540 -11.67 18.82 -19.90
N GLU A 540 -11.65 18.81 -19.93
CA GLU A 540 -12.80 18.84 -18.97
CA GLU A 540 -12.78 18.70 -19.00
C GLU A 540 -12.31 18.75 -17.51
C GLU A 540 -12.31 18.73 -17.54
N PHE A 541 -11.27 17.96 -17.25
CA PHE A 541 -10.63 17.94 -15.91
C PHE A 541 -10.04 19.30 -15.53
N LEU A 542 -9.36 19.97 -16.49
CA LEU A 542 -8.86 21.30 -16.24
C LEU A 542 -10.01 22.30 -16.03
N LYS A 543 -11.07 22.20 -16.81
CA LYS A 543 -12.24 23.04 -16.63
C LYS A 543 -12.91 22.84 -15.25
N TYR A 544 -13.08 21.59 -14.84
CA TYR A 544 -13.64 21.30 -13.52
C TYR A 544 -12.85 21.96 -12.38
N THR A 545 -11.52 21.92 -12.47
CA THR A 545 -10.67 22.35 -11.38
C THR A 545 -10.17 23.81 -11.49
N TRP A 546 -10.48 24.50 -12.59
CA TRP A 546 -9.85 25.80 -12.86
C TRP A 546 -10.15 26.87 -11.83
N LYS A 547 -11.40 27.03 -11.44
CA LYS A 547 -11.74 28.02 -10.41
C LYS A 547 -10.99 27.77 -9.11
N SER A 548 -10.87 26.50 -8.71
CA SER A 548 -10.16 26.17 -7.47
C SER A 548 -8.66 26.47 -7.57
N VAL A 549 -8.08 26.25 -8.75
CA VAL A 549 -6.66 26.55 -9.01
C VAL A 549 -6.39 28.05 -8.85
N LYS A 550 -7.21 28.87 -9.49
CA LYS A 550 -7.10 30.33 -9.38
C LYS A 550 -7.28 30.81 -7.95
N THR A 551 -8.33 30.34 -7.28
CA THR A 551 -8.56 30.66 -5.88
C THR A 551 -7.39 30.27 -5.01
N ALA A 552 -6.89 29.05 -5.20
CA ALA A 552 -5.78 28.57 -4.38
C ALA A 552 -4.55 29.46 -4.48
N LEU A 553 -4.17 29.84 -5.71
CA LEU A 553 -3.00 30.71 -5.91
C LEU A 553 -3.24 32.14 -5.41
N ASP A 554 -4.44 32.64 -5.62
CA ASP A 554 -4.77 34.01 -5.18
C ASP A 554 -4.71 34.12 -3.66
N LYS A 555 -5.16 33.10 -2.94
CA LYS A 555 -5.10 33.12 -1.48
C LYS A 555 -3.67 33.04 -0.96
N LEU A 556 -2.87 32.20 -1.60
CA LEU A 556 -1.49 32.06 -1.22
C LEU A 556 -0.68 33.35 -1.44
N LYS A 557 -1.02 34.11 -2.49
CA LYS A 557 -0.37 35.39 -2.76
C LYS A 557 -0.57 36.38 -1.61
N GLU A 558 -1.72 36.33 -0.95
CA GLU A 558 -2.00 37.21 0.21
C GLU A 558 -1.06 36.98 1.40
N MET A 559 -0.40 35.82 1.46
CA MET A 559 0.56 35.51 2.53
C MET A 559 1.98 36.02 2.27
N ASP A 560 2.17 36.76 1.18
CA ASP A 560 3.40 37.49 0.95
C ASP A 560 3.39 38.72 1.86
N LYS A 561 4.20 38.69 2.92
CA LYS A 561 4.24 39.79 3.88
C LYS A 561 5.08 40.99 3.45
N ASP A 562 6.16 40.75 2.71
CA ASP A 562 7.16 41.80 2.41
C ASP A 562 7.20 42.23 0.94
N ASN A 563 6.16 41.90 0.18
CA ASN A 563 6.00 42.29 -1.21
C ASN A 563 7.16 41.88 -2.15
N ASP A 564 7.77 40.72 -1.90
CA ASP A 564 8.75 40.16 -2.84
C ASP A 564 8.08 39.20 -3.87
N GLY A 565 6.76 39.06 -3.79
CA GLY A 565 5.98 38.25 -4.72
C GLY A 565 5.90 36.77 -4.35
N ILE A 566 6.36 36.44 -3.15
CA ILE A 566 6.44 35.04 -2.69
C ILE A 566 5.80 34.95 -1.29
N PRO A 567 4.95 33.93 -1.04
CA PRO A 567 4.45 33.77 0.33
C PRO A 567 5.57 33.60 1.36
N ASP A 568 5.39 34.17 2.54
CA ASP A 568 6.37 34.09 3.63
C ASP A 568 6.05 32.97 4.59
N ASN A 569 6.99 32.05 4.80
CA ASN A 569 6.87 31.09 5.88
C ASN A 569 6.99 31.87 7.19
N GLU A 570 6.25 31.45 8.22
CA GLU A 570 6.02 32.31 9.39
C GLU A 570 6.84 31.97 10.64
N GLY A 571 7.98 31.30 10.46
CA GLY A 571 8.83 30.91 11.59
C GLY A 571 8.25 29.77 12.41
N ILE A 572 7.37 29.00 11.77
CA ILE A 572 6.75 27.82 12.34
C ILE A 572 6.71 26.73 11.26
N PRO A 573 6.41 25.50 11.65
CA PRO A 573 6.31 24.45 10.61
C PRO A 573 4.99 24.52 9.84
N ASP A 574 4.96 25.39 8.83
CA ASP A 574 3.74 25.66 8.06
C ASP A 574 3.77 24.98 6.68
N GLN A 575 4.11 23.70 6.71
CA GLN A 575 4.23 22.88 5.50
C GLN A 575 4.50 21.43 5.91
N THR A 576 4.64 20.54 4.95
CA THR A 576 4.76 19.07 5.19
C THR A 576 5.80 18.64 6.21
N TYR A 577 6.90 19.36 6.30
CA TYR A 577 7.89 19.13 7.35
C TYR A 577 7.34 19.81 8.60
N ASP A 578 6.38 19.13 9.24
CA ASP A 578 5.46 19.79 10.17
C ASP A 578 6.00 19.95 11.59
N THR A 579 7.28 19.64 11.79
CA THR A 579 8.02 20.09 12.97
C THR A 579 9.28 20.90 12.65
N TRP A 580 9.56 21.15 11.37
CA TRP A 580 10.76 21.85 10.92
C TRP A 580 10.36 23.25 10.47
N SER A 581 10.72 24.27 11.26
CA SER A 581 10.30 25.64 10.97
C SER A 581 10.99 26.25 9.76
N MET A 582 10.20 26.95 8.95
CA MET A 582 10.70 27.78 7.87
C MET A 582 10.27 29.21 8.16
N LYS A 583 11.11 30.16 7.73
CA LYS A 583 10.83 31.58 7.91
C LYS A 583 11.31 32.39 6.72
N GLY A 584 10.43 33.26 6.23
CA GLY A 584 10.71 34.10 5.07
C GLY A 584 10.46 33.34 3.80
N THR A 585 11.30 33.56 2.80
CA THR A 585 11.23 32.79 1.56
C THR A 585 12.01 31.50 1.76
N SER A 586 11.35 30.36 1.57
CA SER A 586 12.02 29.06 1.68
C SER A 586 12.25 28.51 0.28
N ALA A 587 13.34 27.76 0.11
CA ALA A 587 13.60 27.08 -1.14
C ALA A 587 12.45 26.15 -1.48
N TYR A 588 11.98 25.41 -0.49
CA TYR A 588 10.91 24.43 -0.68
C TYR A 588 9.59 25.06 -1.12
N CYS A 589 8.99 25.89 -0.26
CA CYS A 589 7.71 26.49 -0.61
C CYS A 589 7.85 27.52 -1.72
N GLY A 590 9.00 28.21 -1.78
CA GLY A 590 9.26 29.16 -2.85
C GLY A 590 9.33 28.51 -4.21
N SER A 591 10.03 27.39 -4.32
CA SER A 591 10.15 26.71 -5.61
C SER A 591 8.82 26.12 -6.05
N LEU A 592 8.06 25.55 -5.10
CA LEU A 592 6.70 25.04 -5.37
C LEU A 592 5.78 26.14 -5.89
N TRP A 593 5.86 27.32 -5.28
CA TRP A 593 5.10 28.49 -5.71
C TRP A 593 5.45 28.89 -7.14
N LEU A 594 6.75 28.96 -7.44
CA LEU A 594 7.20 29.30 -8.80
C LEU A 594 6.63 28.32 -9.81
N ALA A 595 6.74 27.03 -9.52
CA ALA A 595 6.24 26.01 -10.44
C ALA A 595 4.73 26.06 -10.60
N ALA A 596 4.00 26.30 -9.50
CA ALA A 596 2.55 26.36 -9.53
C ALA A 596 2.07 27.53 -10.37
N LEU A 597 2.78 28.65 -10.26
CA LEU A 597 2.49 29.80 -11.12
C LEU A 597 2.68 29.48 -12.60
N LYS A 598 3.76 28.79 -12.94
CA LYS A 598 3.98 28.39 -14.33
C LYS A 598 2.93 27.39 -14.83
N ALA A 599 2.53 26.45 -13.98
CA ALA A 599 1.45 25.54 -14.34
C ALA A 599 0.13 26.27 -14.60
N ALA A 600 -0.20 27.23 -13.74
CA ALA A 600 -1.45 27.97 -13.88
C ALA A 600 -1.45 28.85 -15.13
N GLN A 601 -0.29 29.44 -15.46
CA GLN A 601 -0.12 30.13 -16.75
C GLN A 601 -0.52 29.23 -17.90
N GLU A 602 0.02 28.01 -17.90
CA GLU A 602 -0.23 27.07 -18.99
C GLU A 602 -1.66 26.60 -19.05
N ILE A 603 -2.30 26.36 -17.91
CA ILE A 603 -3.73 26.00 -17.90
C ILE A 603 -4.54 27.17 -18.49
N GLY A 604 -4.19 28.39 -18.08
CA GLY A 604 -4.80 29.61 -18.61
C GLY A 604 -4.74 29.68 -20.13
N LYS A 605 -3.60 29.29 -20.71
CA LYS A 605 -3.49 29.23 -22.17
C LYS A 605 -4.39 28.14 -22.76
N VAL A 606 -4.38 26.95 -22.17
CA VAL A 606 -5.22 25.87 -22.67
C VAL A 606 -6.71 26.24 -22.64
N LEU A 607 -7.14 26.90 -21.57
CA LEU A 607 -8.55 27.26 -21.38
C LEU A 607 -8.91 28.64 -21.94
N LYS A 608 -7.94 29.29 -22.58
CA LYS A 608 -8.11 30.62 -23.18
C LYS A 608 -8.61 31.65 -22.16
N ASP A 609 -8.00 31.62 -20.98
CA ASP A 609 -8.26 32.59 -19.92
C ASP A 609 -7.09 33.55 -19.94
N ASN A 610 -7.18 34.56 -20.80
CA ASN A 610 -6.05 35.46 -21.06
C ASN A 610 -5.63 36.24 -19.83
N GLU A 611 -6.60 36.73 -19.08
CA GLU A 611 -6.30 37.56 -17.92
C GLU A 611 -5.60 36.75 -16.82
N ALA A 612 -5.96 35.48 -16.68
CA ALA A 612 -5.23 34.59 -15.77
C ALA A 612 -3.80 34.34 -16.24
N TYR A 613 -3.63 34.03 -17.52
CA TYR A 613 -2.30 33.86 -18.07
C TYR A 613 -1.40 35.07 -17.77
N ILE A 614 -1.90 36.26 -18.06
CA ILE A 614 -1.12 37.49 -17.84
C ILE A 614 -0.80 37.70 -16.37
N LYS A 615 -1.78 37.51 -15.49
CA LYS A 615 -1.56 37.71 -14.05
C LYS A 615 -0.52 36.76 -13.48
N TYR A 616 -0.66 35.47 -13.75
CA TYR A 616 0.25 34.47 -13.21
C TYR A 616 1.62 34.53 -13.86
N ASN A 617 1.68 34.92 -15.14
CA ASN A 617 2.97 35.22 -15.78
C ASN A 617 3.69 36.40 -15.07
N GLU A 618 2.96 37.47 -14.75
CA GLU A 618 3.56 38.62 -14.03
C GLU A 618 4.06 38.26 -12.64
N TRP A 619 3.22 37.56 -11.88
CA TRP A 619 3.62 37.07 -10.58
C TRP A 619 4.83 36.17 -10.67
N TYR A 620 4.84 35.26 -11.65
CA TYR A 620 5.95 34.33 -11.84
C TYR A 620 7.29 35.04 -12.09
N LYS A 621 7.29 36.04 -12.97
CA LYS A 621 8.53 36.77 -13.30
C LYS A 621 9.14 37.48 -12.09
N ILE A 622 8.29 38.12 -11.29
CA ILE A 622 8.72 38.84 -10.09
C ILE A 622 9.26 37.84 -9.05
N ALA A 623 8.48 36.79 -8.80
CA ALA A 623 8.85 35.79 -7.83
C ALA A 623 10.14 35.07 -8.20
N GLN A 624 10.28 34.73 -9.47
CA GLN A 624 11.44 34.00 -9.97
C GLN A 624 12.72 34.82 -9.76
N GLN A 625 12.65 36.10 -10.12
CA GLN A 625 13.78 37.03 -9.94
C GLN A 625 14.17 37.14 -8.46
N ASN A 626 13.19 37.32 -7.59
CA ASN A 626 13.47 37.45 -6.17
C ASN A 626 13.90 36.17 -5.47
N PHE A 627 13.36 35.02 -5.92
CA PHE A 627 13.76 33.72 -5.39
C PHE A 627 15.25 33.48 -5.61
N GLU A 628 15.66 33.69 -6.86
CA GLU A 628 17.05 33.53 -7.28
C GLU A 628 17.96 34.48 -6.47
N LYS A 629 17.56 35.74 -6.36
CA LYS A 629 18.37 36.73 -5.59
C LYS A 629 18.51 36.40 -4.12
N GLU A 630 17.40 36.02 -3.49
CA GLU A 630 17.38 35.77 -2.06
C GLU A 630 18.10 34.52 -1.64
N LEU A 631 18.05 33.48 -2.47
CA LEU A 631 18.45 32.13 -2.05
C LEU A 631 19.67 31.50 -2.72
N TRP A 632 19.99 31.90 -3.95
CA TRP A 632 21.12 31.30 -4.67
C TRP A 632 22.42 31.79 -4.03
N ASN A 633 23.22 30.88 -3.46
CA ASN A 633 24.46 31.25 -2.75
C ASN A 633 25.76 30.97 -3.53
N GLY A 634 25.62 30.47 -4.76
CA GLY A 634 26.77 30.12 -5.61
C GLY A 634 27.02 28.62 -5.74
N GLU A 635 26.54 27.85 -4.76
CA GLU A 635 26.66 26.38 -4.73
C GLU A 635 25.33 25.63 -4.66
N TYR A 636 24.38 26.18 -3.91
CA TYR A 636 23.04 25.61 -3.79
C TYR A 636 22.05 26.71 -3.41
N TYR A 637 20.78 26.36 -3.24
CA TYR A 637 19.78 27.30 -2.76
C TYR A 637 19.65 27.17 -1.24
N ASN A 638 19.74 28.30 -0.54
CA ASN A 638 19.62 28.28 0.91
C ASN A 638 18.25 27.77 1.35
N PHE A 639 18.22 27.11 2.50
CA PHE A 639 16.99 26.57 3.10
C PHE A 639 15.90 27.64 3.16
N ASP A 640 16.24 28.80 3.70
CA ASP A 640 15.32 29.95 3.64
C ASP A 640 16.07 31.25 3.90
N THR A 641 15.35 32.36 4.03
CA THR A 641 15.98 33.68 4.24
C THR A 641 16.13 34.15 5.69
N GLU A 642 15.38 33.58 6.63
CA GLU A 642 15.33 34.11 8.01
C GLU A 642 15.59 33.17 9.20
N SER A 643 15.62 31.86 8.98
CA SER A 643 15.85 30.91 10.08
C SER A 643 17.26 30.93 10.64
N ASP A 644 17.43 30.36 11.83
CA ASP A 644 18.75 30.24 12.49
C ASP A 644 19.80 29.50 11.65
N HIS A 645 19.39 28.39 11.05
CA HIS A 645 20.26 27.64 10.11
C HIS A 645 19.72 27.77 8.68
N LYS A 646 19.59 29.03 8.24
CA LYS A 646 19.07 29.33 6.89
C LYS A 646 19.95 28.81 5.74
N ASP A 647 21.23 28.54 6.02
CA ASP A 647 22.18 28.05 5.03
C ASP A 647 22.32 26.52 5.03
N SER A 648 21.44 25.81 5.72
CA SER A 648 21.39 24.35 5.58
C SER A 648 21.09 23.95 4.13
N ILE A 649 21.65 22.80 3.73
CA ILE A 649 21.43 22.23 2.42
C ILE A 649 20.24 21.29 2.61
N MET A 650 19.11 21.61 1.99
CA MET A 650 17.90 20.81 2.14
C MET A 650 17.81 19.84 0.96
N ALA A 651 17.53 18.57 1.24
CA ALA A 651 17.42 17.60 0.16
C ALA A 651 16.32 17.94 -0.84
N ASP A 652 15.23 18.54 -0.34
CA ASP A 652 14.03 18.84 -1.13
C ASP A 652 14.00 20.31 -1.58
N GLN A 653 15.14 20.99 -1.56
CA GLN A 653 15.19 22.43 -1.84
C GLN A 653 14.58 22.86 -3.17
N LEU A 654 14.66 22.02 -4.20
CA LEU A 654 14.11 22.36 -5.50
C LEU A 654 12.93 21.50 -5.92
N ALA A 655 12.06 21.15 -4.97
CA ALA A 655 10.87 20.35 -5.26
C ALA A 655 10.02 20.94 -6.38
N GLY A 656 9.91 22.26 -6.46
CA GLY A 656 9.19 22.86 -7.57
C GLY A 656 9.78 22.60 -8.95
N GLN A 657 11.10 22.63 -9.03
CA GLN A 657 11.79 22.31 -10.30
C GLN A 657 11.64 20.83 -10.67
N TRP A 658 11.68 19.94 -9.67
CA TRP A 658 11.39 18.51 -9.90
C TRP A 658 10.04 18.33 -10.59
N TYR A 659 8.98 18.91 -10.01
CA TYR A 659 7.66 18.81 -10.64
C TYR A 659 7.61 19.51 -12.00
N ALA A 660 8.28 20.65 -12.12
CA ALA A 660 8.33 21.35 -13.41
C ALA A 660 8.91 20.44 -14.52
N ASP A 661 9.91 19.63 -14.19
CA ASP A 661 10.46 18.66 -15.16
C ASP A 661 9.39 17.66 -15.60
N ILE A 662 8.68 17.09 -14.63
CA ILE A 662 7.61 16.12 -14.90
C ILE A 662 6.49 16.74 -15.72
N LEU A 663 6.16 17.99 -15.43
CA LEU A 663 5.05 18.67 -16.07
C LEU A 663 5.46 19.31 -17.40
N ARG A 664 6.75 19.18 -17.78
CA ARG A 664 7.31 19.75 -19.00
C ARG A 664 7.12 21.27 -19.05
N LEU A 665 7.33 21.93 -17.91
CA LEU A 665 7.20 23.37 -17.79
C LEU A 665 8.51 24.10 -18.00
N GLY A 666 9.58 23.36 -18.26
CA GLY A 666 10.88 23.94 -18.55
C GLY A 666 11.62 24.36 -17.30
N ASP A 667 12.50 25.34 -17.49
CA ASP A 667 13.37 25.80 -16.43
C ASP A 667 12.59 26.83 -15.66
N ILE A 668 12.49 26.65 -14.35
CA ILE A 668 12.02 27.70 -13.46
C ILE A 668 13.21 28.39 -12.80
N LEU A 669 14.35 27.70 -12.73
CA LEU A 669 15.61 28.25 -12.27
C LEU A 669 16.68 27.85 -13.27
N PRO A 670 17.85 28.55 -13.28
CA PRO A 670 18.86 28.26 -14.30
C PRO A 670 19.38 26.82 -14.24
N LYS A 671 19.49 26.17 -15.39
CA LYS A 671 19.95 24.78 -15.48
C LYS A 671 21.26 24.54 -14.74
N ASP A 672 22.20 25.47 -14.90
CA ASP A 672 23.50 25.34 -14.27
C ASP A 672 23.41 25.31 -12.74
N HIS A 673 22.54 26.16 -12.19
CA HIS A 673 22.36 26.28 -10.74
C HIS A 673 21.64 25.04 -10.20
N VAL A 674 20.66 24.54 -10.95
CA VAL A 674 19.97 23.29 -10.56
C VAL A 674 20.95 22.12 -10.50
N GLN A 675 21.80 22.02 -11.51
CA GLN A 675 22.79 20.92 -11.55
C GLN A 675 23.76 21.03 -10.39
N LYS A 676 24.19 22.25 -10.06
CA LYS A 676 25.09 22.44 -8.91
C LYS A 676 24.42 22.05 -7.61
N ALA A 677 23.15 22.41 -7.46
CA ALA A 677 22.45 22.13 -6.23
C ALA A 677 22.24 20.62 -6.06
N LEU A 678 21.89 19.93 -7.16
CA LEU A 678 21.70 18.47 -7.10
C LEU A 678 23.02 17.74 -6.76
N LYS A 679 24.11 18.19 -7.38
CA LYS A 679 25.42 17.62 -7.06
C LYS A 679 25.82 17.88 -5.61
N LYS A 680 25.48 19.07 -5.10
CA LYS A 680 25.72 19.40 -3.69
C LYS A 680 24.95 18.47 -2.76
N ILE A 681 23.67 18.25 -3.09
CA ILE A 681 22.81 17.36 -2.30
C ILE A 681 23.38 15.93 -2.28
N TYR A 682 23.80 15.43 -3.44
CA TYR A 682 24.39 14.09 -3.50
C TYR A 682 25.67 14.03 -2.68
N GLU A 683 26.51 15.05 -2.83
CA GLU A 683 27.82 15.10 -2.17
C GLU A 683 27.69 15.20 -0.65
N PHE A 684 26.68 15.92 -0.18
CA PHE A 684 26.47 16.15 1.24
C PHE A 684 25.38 15.25 1.81
N ASN A 685 24.12 15.58 1.54
CA ASN A 685 22.96 14.89 2.15
C ASN A 685 22.94 13.38 1.94
N VAL A 686 23.47 12.91 0.80
CA VAL A 686 23.63 11.47 0.56
C VAL A 686 24.99 10.98 1.06
N MET A 687 26.07 11.41 0.39
CA MET A 687 27.38 10.78 0.60
C MET A 687 28.02 11.03 1.95
N LYS A 688 27.69 12.15 2.61
CA LYS A 688 28.18 12.38 3.98
C LYS A 688 27.25 11.87 5.09
N PHE A 689 26.13 11.24 4.70
CA PHE A 689 25.23 10.58 5.64
C PHE A 689 25.39 9.05 5.53
N GLU A 690 26.09 8.47 6.50
CA GLU A 690 26.34 7.02 6.55
C GLU A 690 26.83 6.47 5.21
N ASN A 691 27.81 7.16 4.63
CA ASN A 691 28.49 6.76 3.40
C ASN A 691 27.54 6.55 2.22
N GLY A 692 26.43 7.30 2.19
CA GLY A 692 25.48 7.22 1.08
C GLY A 692 24.71 5.92 0.95
N LYS A 693 24.63 5.13 2.02
CA LYS A 693 23.97 3.81 1.98
C LYS A 693 22.57 3.81 2.58
N MET A 694 22.02 4.98 2.92
CA MET A 694 20.73 5.05 3.63
C MET A 694 19.76 6.13 3.09
N GLY A 695 20.02 6.67 1.91
CA GLY A 695 19.20 7.75 1.32
C GLY A 695 19.75 9.14 1.57
N ALA A 696 18.90 10.16 1.36
CA ALA A 696 19.28 11.56 1.54
C ALA A 696 18.72 12.07 2.86
N VAL A 697 19.60 12.48 3.78
CA VAL A 697 19.13 13.12 5.01
C VAL A 697 18.56 14.50 4.65
N ASN A 698 17.53 14.95 5.37
CA ASN A 698 16.81 16.16 4.95
C ASN A 698 17.60 17.44 5.01
N GLY A 699 18.42 17.59 6.05
CA GLY A 699 19.15 18.85 6.27
C GLY A 699 20.58 18.59 6.66
N MET A 700 21.51 19.17 5.91
CA MET A 700 22.91 19.13 6.26
C MET A 700 23.49 20.53 6.29
N ARG A 701 24.32 20.79 7.28
CA ARG A 701 24.99 22.10 7.38
C ARG A 701 26.09 22.15 6.31
N PRO A 702 26.47 23.36 5.84
CA PRO A 702 27.55 23.42 4.84
C PRO A 702 28.91 22.90 5.32
N ASP A 703 29.09 22.74 6.64
CA ASP A 703 30.28 22.04 7.18
C ASP A 703 30.22 20.50 7.13
N GLY A 704 29.16 19.92 6.55
CA GLY A 704 29.07 18.47 6.37
C GLY A 704 28.58 17.70 7.57
N ILE A 705 27.94 18.39 8.52
CA ILE A 705 27.35 17.77 9.70
C ILE A 705 25.84 17.93 9.56
N VAL A 706 25.10 16.90 9.97
CA VAL A 706 23.63 16.92 9.87
C VAL A 706 23.09 18.07 10.73
N ASP A 707 22.09 18.76 10.19
CA ASP A 707 21.41 19.87 10.84
C ASP A 707 20.55 19.35 12.00
N GLU A 708 20.72 19.95 13.18
CA GLU A 708 20.09 19.46 14.40
C GLU A 708 18.98 20.36 14.93
N SER A 709 18.52 21.31 14.13
CA SER A 709 17.48 22.24 14.57
C SER A 709 16.16 21.50 14.86
N ASP A 710 15.90 20.40 14.14
CA ASP A 710 14.74 19.57 14.41
C ASP A 710 14.99 18.11 14.02
N ILE A 711 14.26 17.22 14.65
CA ILE A 711 14.28 15.79 14.30
C ILE A 711 14.10 15.55 12.79
N GLN A 712 13.20 16.27 12.14
CA GLN A 712 12.95 16.05 10.70
C GLN A 712 14.16 16.37 9.84
N ALA A 713 14.98 17.34 10.25
CA ALA A 713 16.25 17.63 9.56
C ALA A 713 17.21 16.44 9.60
N GLN A 714 17.14 15.64 10.67
CA GLN A 714 18.06 14.52 10.91
C GLN A 714 17.51 13.20 10.39
N GLU A 715 16.36 13.25 9.70
CA GLU A 715 15.72 12.07 9.14
C GLU A 715 15.96 12.01 7.64
N VAL A 716 16.07 10.77 7.14
CA VAL A 716 15.89 10.48 5.73
C VAL A 716 14.41 10.23 5.56
N TRP A 717 13.77 10.88 4.60
CA TRP A 717 12.39 10.59 4.23
C TRP A 717 12.43 9.76 2.96
N THR A 718 11.89 8.55 3.03
CA THR A 718 11.95 7.59 1.94
C THR A 718 11.35 8.14 0.66
N GLY A 719 10.19 8.81 0.76
CA GLY A 719 9.51 9.34 -0.42
C GLY A 719 10.19 10.56 -0.98
N VAL A 720 10.80 11.35 -0.10
CA VAL A 720 11.60 12.48 -0.55
C VAL A 720 12.82 12.01 -1.33
N THR A 721 13.46 10.94 -0.84
CA THR A 721 14.67 10.41 -1.43
C THR A 721 14.37 9.77 -2.79
N TYR A 722 13.30 9.01 -2.88
CA TYR A 722 12.93 8.45 -4.18
C TYR A 722 12.61 9.56 -5.19
N ALA A 723 11.90 10.58 -4.73
CA ALA A 723 11.58 11.72 -5.58
C ALA A 723 12.84 12.46 -6.05
N LEU A 724 13.78 12.65 -5.14
CA LEU A 724 15.07 13.26 -5.46
C LEU A 724 15.80 12.41 -6.50
N ALA A 725 15.74 11.08 -6.33
CA ALA A 725 16.33 10.18 -7.33
C ALA A 725 15.73 10.37 -8.72
N SER A 726 14.42 10.53 -8.77
CA SER A 726 13.70 10.82 -10.01
C SER A 726 14.22 12.12 -10.65
N PHE A 727 14.36 13.15 -9.82
CA PHE A 727 14.86 14.48 -10.23
C PHE A 727 16.28 14.36 -10.81
N MET A 728 17.16 13.69 -10.09
CA MET A 728 18.52 13.43 -10.60
C MET A 728 18.51 12.68 -11.94
N LYS A 729 17.69 11.66 -12.03
CA LYS A 729 17.58 10.87 -13.26
C LYS A 729 17.16 11.75 -14.46
N TYR A 730 16.15 12.59 -14.29
CA TYR A 730 15.69 13.47 -15.39
C TYR A 730 16.79 14.43 -15.82
N ARG A 731 17.61 14.84 -14.85
CA ARG A 731 18.69 15.77 -15.09
C ARG A 731 20.00 15.12 -15.53
N GLY A 732 19.95 13.83 -15.85
CA GLY A 732 21.08 13.12 -16.42
C GLY A 732 22.10 12.63 -15.42
N MET A 733 21.81 12.77 -14.12
CA MET A 733 22.69 12.29 -13.05
C MET A 733 22.31 10.85 -12.72
N THR A 734 22.55 9.97 -13.69
CA THR A 734 22.04 8.59 -13.63
C THR A 734 22.65 7.81 -12.47
N GLU A 735 23.98 7.82 -12.34
CA GLU A 735 24.62 7.10 -11.24
C GLU A 735 24.14 7.64 -9.89
N GLU A 736 24.15 8.96 -9.75
CA GLU A 736 23.72 9.59 -8.50
C GLU A 736 22.27 9.21 -8.16
N ALA A 737 21.40 9.24 -9.17
CA ALA A 737 20.00 8.87 -8.98
C ALA A 737 19.83 7.47 -8.38
N TYR A 738 20.40 6.47 -9.04
CA TYR A 738 20.25 5.11 -8.59
C TYR A 738 21.01 4.82 -7.31
N ASN A 739 22.17 5.45 -7.09
CA ASN A 739 22.87 5.27 -5.81
C ASN A 739 22.06 5.83 -4.64
N THR A 740 21.44 6.99 -4.87
CA THR A 740 20.57 7.63 -3.87
C THR A 740 19.39 6.74 -3.54
N ALA A 741 18.69 6.26 -4.57
CA ALA A 741 17.55 5.36 -4.36
C ALA A 741 17.97 4.00 -3.76
N TYR A 742 19.16 3.50 -4.10
CA TYR A 742 19.61 2.20 -3.59
C TYR A 742 19.63 2.12 -2.07
N GLY A 743 20.01 3.21 -1.41
CA GLY A 743 20.02 3.25 0.05
C GLY A 743 18.66 2.98 0.68
N VAL A 744 17.61 3.47 0.04
CA VAL A 744 16.25 3.26 0.50
C VAL A 744 15.88 1.79 0.27
N TYR A 745 16.16 1.28 -0.93
CA TYR A 745 15.95 -0.16 -1.21
C TYR A 745 16.68 -1.02 -0.18
N LYS A 746 17.94 -0.70 0.06
CA LYS A 746 18.78 -1.51 0.95
C LYS A 746 18.21 -1.58 2.37
N MET A 747 17.89 -0.42 2.91
CA MET A 747 17.30 -0.32 4.25
C MET A 747 15.96 -1.06 4.35
N THR A 748 15.19 -1.05 3.27
CA THR A 748 13.86 -1.64 3.27
C THR A 748 13.90 -3.14 3.10
N TYR A 749 14.65 -3.62 2.09
CA TYR A 749 14.57 -5.00 1.63
C TYR A 749 15.77 -5.91 1.89
N ASP A 750 16.96 -5.34 2.04
CA ASP A 750 18.19 -6.14 2.04
C ASP A 750 18.45 -6.76 3.39
N LYS A 751 19.20 -7.87 3.38
CA LYS A 751 19.68 -8.49 4.61
C LYS A 751 20.45 -7.54 5.53
N SER A 752 21.14 -6.56 4.95
CA SER A 752 21.90 -5.55 5.70
C SER A 752 21.04 -4.36 6.15
N GLY A 753 19.74 -4.38 5.84
CA GLY A 753 18.83 -3.30 6.20
C GLY A 753 18.18 -3.49 7.55
N LYS A 754 17.02 -2.86 7.73
CA LYS A 754 16.32 -2.83 9.01
C LYS A 754 14.96 -3.54 9.01
N GLY A 755 14.66 -4.27 7.93
CA GLY A 755 13.52 -5.18 7.92
C GLY A 755 12.16 -4.51 7.78
N TYR A 756 12.05 -3.63 6.79
CA TYR A 756 10.85 -2.82 6.61
C TYR A 756 10.03 -3.19 5.40
N TRP A 757 10.33 -4.35 4.82
CA TRP A 757 9.57 -4.87 3.68
C TRP A 757 8.09 -4.92 3.98
N PHE A 758 7.30 -4.40 3.03
CA PHE A 758 5.83 -4.32 3.17
C PHE A 758 5.37 -3.48 4.34
N ARG A 759 6.24 -2.56 4.77
CA ARG A 759 5.83 -1.54 5.72
C ARG A 759 6.76 -0.34 5.65
N THR A 760 7.16 0.06 4.44
CA THR A 760 8.13 1.13 4.25
C THR A 760 7.73 2.36 5.08
N PRO A 761 8.64 2.83 5.96
CA PRO A 761 8.26 3.96 6.80
C PRO A 761 8.43 5.32 6.12
N GLU A 762 7.87 6.34 6.75
CA GLU A 762 8.15 7.72 6.34
C GLU A 762 9.66 7.98 6.40
N ALA A 763 10.23 7.65 7.56
CA ALA A 763 11.53 8.19 7.91
C ALA A 763 12.37 7.25 8.73
N TRP A 764 13.68 7.37 8.59
CA TRP A 764 14.60 6.79 9.58
C TRP A 764 15.71 7.77 9.90
N THR A 765 16.27 7.60 11.09
CA THR A 765 17.46 8.33 11.51
C THR A 765 18.73 7.52 11.22
N LYS A 766 19.91 8.09 11.55
CA LYS A 766 21.16 7.43 11.19
C LYS A 766 21.36 6.02 11.80
N ASP A 767 20.72 5.75 12.94
CA ASP A 767 20.74 4.42 13.56
C ASP A 767 19.84 3.38 12.85
N GLY A 768 19.08 3.84 11.86
CA GLY A 768 18.20 2.99 11.07
C GLY A 768 16.81 2.79 11.68
N ASN A 769 16.58 3.28 12.89
CA ASN A 769 15.26 3.20 13.51
C ASN A 769 14.31 4.18 12.85
N TYR A 770 13.01 3.93 12.97
CA TYR A 770 12.03 4.52 12.07
C TYR A 770 10.95 5.36 12.72
N ARG A 771 10.30 6.18 11.90
CA ARG A 771 9.05 6.82 12.27
C ARG A 771 8.02 6.52 11.20
N ALA A 772 6.90 5.96 11.64
CA ALA A 772 5.67 5.79 10.88
C ALA A 772 5.80 4.76 9.76
N SER A 773 5.77 3.49 10.15
CA SER A 773 5.77 2.39 9.19
C SER A 773 4.48 2.40 8.39
N MET A 774 4.50 1.75 7.24
CA MET A 774 3.34 1.68 6.34
C MET A 774 2.90 3.07 5.90
N TYR A 775 3.76 3.73 5.15
CA TYR A 775 3.59 5.13 4.80
C TYR A 775 3.37 5.35 3.31
N MET A 776 2.61 6.38 2.96
CA MET A 776 2.20 6.64 1.57
C MET A 776 3.33 7.22 0.72
N ARG A 777 4.15 8.07 1.33
CA ARG A 777 5.13 8.86 0.55
C ARG A 777 6.09 8.05 -0.36
N PRO A 778 6.61 6.90 0.08
CA PRO A 778 7.58 6.18 -0.79
C PRO A 778 7.00 5.57 -2.05
N LEU A 779 5.68 5.62 -2.23
CA LEU A 779 5.08 5.36 -3.56
C LEU A 779 5.65 6.29 -4.64
N SER A 780 6.29 7.38 -4.22
CA SER A 780 7.01 8.27 -5.13
C SER A 780 8.09 7.60 -5.98
N ILE A 781 8.53 6.39 -5.62
CA ILE A 781 9.46 5.64 -6.48
C ILE A 781 8.94 5.58 -7.94
N TRP A 782 7.63 5.54 -8.11
CA TRP A 782 7.04 5.54 -9.46
C TRP A 782 7.30 6.81 -10.29
N SER A 783 7.69 7.91 -9.65
CA SER A 783 8.18 9.09 -10.40
C SER A 783 9.47 8.78 -11.18
N MET A 784 10.21 7.74 -10.78
CA MET A 784 11.36 7.30 -11.55
C MET A 784 11.02 6.65 -12.90
N GLU A 785 9.74 6.34 -13.14
CA GLU A 785 9.27 5.71 -14.40
C GLU A 785 8.56 6.66 -15.38
N VAL A 786 8.53 7.95 -15.06
CA VAL A 786 7.83 8.95 -15.91
C VAL A 786 8.38 9.01 -17.35
#